data_6YLC
#
_entry.id   6YLC
#
_cell.length_a   67.332
_cell.length_b   101.423
_cell.length_c   195.889
_cell.angle_alpha   90.000
_cell.angle_beta   90.000
_cell.angle_gamma   90.000
#
_symmetry.space_group_name_H-M   'P 21 21 21'
#
loop_
_entity.id
_entity.type
_entity.pdbx_description
1 polymer 'Mitogen-activated protein kinase 6'
2 non-polymer 5-fluoranyl-2-[5-[[1-(1-methylpiperidin-4-yl)pyrazol-4-yl]amino]-[1,2,3]triazolo[4,5-d]pyrimidin-3-yl]benzenecarbonitrile
3 water water
#
_entity_poly.entity_id   1
_entity_poly.type   'polypeptide(L)'
_entity_poly.pdbx_seq_one_letter_code
;MNIHGFDLGSRYMDLKPLGCGGNGLVFSAVDNDCDKRVAIKKIVLTDPQSVKHALREIKIIRRLDHDNIVKVFEILGPSG
SQLTDDVGSLTELNSVYIVQEYMETDLANVLEQGPLLEEHARLFMYQLLRGLKYIHSANVLHRDLKPANLFINTEDLVLK
IGDFGLARIMDPHYSHKGHLSEGLVTKWYRSPRLLLSPNNYTKAIDMWAAGCIFAEMLTGKTLFAGAHELEQMQLILESI
PVVHEEDRQELLSVIPVYIRNDMTEPHKPLTQLLPGISREAVDFLEQILTFSPMDRLTAEEALSHPYMSIYSFPMDEPI
;
_entity_poly.pdbx_strand_id   A,B,C,D
#
loop_
_chem_comp.id
_chem_comp.type
_chem_comp.name
_chem_comp.formula
OXW non-polymer 5-fluoranyl-2-[5-[[1-(1-methylpiperidin-4-yl)pyrazol-4-yl]amino]-[1,2,3]triazolo[4,5-d]pyrimidin-3-yl]benzenecarbonitrile 'C20 H19 F N10'
#
# COMPACT_ATOMS: atom_id res chain seq x y z
N ASP A 7 10.35 -32.06 -40.33
CA ASP A 7 11.11 -32.70 -41.41
C ASP A 7 11.41 -31.72 -42.58
N LEU A 8 11.59 -30.43 -42.25
CA LEU A 8 11.86 -29.34 -43.20
C LEU A 8 13.28 -29.40 -43.80
N GLY A 9 13.34 -29.83 -45.05
CA GLY A 9 14.59 -30.00 -45.80
C GLY A 9 15.13 -31.42 -45.70
N SER A 10 16.24 -31.69 -46.42
CA SER A 10 16.93 -33.00 -46.41
C SER A 10 18.12 -32.97 -45.44
N ARG A 11 18.56 -31.74 -45.05
CA ARG A 11 19.70 -31.51 -44.18
C ARG A 11 19.35 -31.61 -42.71
N TYR A 12 18.21 -31.05 -42.30
CA TYR A 12 17.83 -30.99 -40.89
C TYR A 12 16.74 -32.02 -40.56
N MET A 13 17.17 -33.10 -39.88
CA MET A 13 16.38 -34.26 -39.47
C MET A 13 16.18 -34.27 -37.97
N ASP A 14 15.20 -35.06 -37.49
CA ASP A 14 14.85 -35.28 -36.07
C ASP A 14 14.53 -33.97 -35.32
N LEU A 15 13.57 -33.18 -35.88
CA LEU A 15 13.13 -31.89 -35.34
C LEU A 15 12.36 -32.09 -34.03
N LYS A 16 12.95 -31.66 -32.90
CA LYS A 16 12.38 -31.81 -31.55
C LYS A 16 12.41 -30.49 -30.74
N PRO A 17 11.23 -29.92 -30.34
CA PRO A 17 11.22 -28.63 -29.62
C PRO A 17 12.13 -28.50 -28.39
N LEU A 18 12.66 -27.27 -28.19
CA LEU A 18 13.58 -26.92 -27.12
C LEU A 18 12.98 -25.92 -26.12
N GLY A 19 12.03 -25.13 -26.60
CA GLY A 19 11.38 -24.10 -25.81
C GLY A 19 10.82 -23.02 -26.71
N CYS A 20 10.48 -21.87 -26.10
CA CYS A 20 9.90 -20.72 -26.77
C CYS A 20 10.68 -19.45 -26.48
N GLY A 21 11.09 -18.77 -27.55
CA GLY A 21 11.73 -17.47 -27.47
C GLY A 21 10.66 -16.39 -27.43
N GLY A 22 11.07 -15.13 -27.39
CA GLY A 22 10.15 -14.01 -27.39
C GLY A 22 9.58 -13.70 -28.76
N ASN A 23 10.09 -14.40 -29.82
CA ASN A 23 9.72 -14.22 -31.22
C ASN A 23 9.01 -15.45 -31.86
N GLY A 24 9.57 -16.64 -31.62
CA GLY A 24 9.04 -17.90 -32.15
C GLY A 24 9.49 -19.12 -31.37
N LEU A 25 9.21 -20.31 -31.93
CA LEU A 25 9.58 -21.60 -31.35
C LEU A 25 11.01 -21.96 -31.73
N VAL A 26 11.69 -22.72 -30.85
CA VAL A 26 13.06 -23.21 -31.07
C VAL A 26 13.01 -24.74 -31.10
N PHE A 27 13.64 -25.32 -32.13
CA PHE A 27 13.73 -26.76 -32.33
C PHE A 27 15.16 -27.25 -32.24
N SER A 28 15.32 -28.53 -31.90
CA SER A 28 16.60 -29.20 -31.84
C SER A 28 16.61 -30.17 -33.01
N ALA A 29 17.67 -30.12 -33.84
CA ALA A 29 17.76 -31.01 -35.00
C ALA A 29 19.19 -31.45 -35.27
N VAL A 30 19.34 -32.58 -35.98
CA VAL A 30 20.65 -33.10 -36.34
C VAL A 30 20.98 -32.70 -37.77
N ASP A 31 22.14 -32.07 -38.00
CA ASP A 31 22.62 -31.70 -39.33
C ASP A 31 23.04 -33.03 -40.03
N ASN A 32 22.61 -33.25 -41.28
CA ASN A 32 22.91 -34.50 -42.03
C ASN A 32 24.27 -34.49 -42.73
N ASP A 33 24.81 -33.28 -43.00
CA ASP A 33 26.11 -33.02 -43.63
C ASP A 33 27.18 -33.51 -42.63
N CYS A 34 27.27 -32.87 -41.45
CA CYS A 34 28.18 -33.25 -40.37
C CYS A 34 27.30 -33.77 -39.23
N ASP A 35 27.61 -34.97 -38.68
CA ASP A 35 26.80 -35.60 -37.62
C ASP A 35 26.91 -34.88 -36.25
N LYS A 36 26.39 -33.64 -36.22
CA LYS A 36 26.38 -32.75 -35.07
C LYS A 36 25.12 -31.91 -35.06
N ARG A 37 24.55 -31.82 -33.88
CA ARG A 37 23.31 -31.15 -33.48
C ARG A 37 23.30 -29.61 -33.62
N VAL A 38 22.14 -29.08 -34.03
CA VAL A 38 21.89 -27.63 -34.21
C VAL A 38 20.59 -27.21 -33.50
N ALA A 39 20.44 -25.89 -33.28
CA ALA A 39 19.25 -25.27 -32.73
C ALA A 39 18.67 -24.36 -33.85
N ILE A 40 17.39 -24.57 -34.24
CA ILE A 40 16.75 -23.80 -35.32
C ILE A 40 15.58 -22.95 -34.79
N LYS A 41 15.59 -21.63 -35.10
CA LYS A 41 14.57 -20.68 -34.71
C LYS A 41 13.66 -20.45 -35.93
N LYS A 42 12.35 -20.68 -35.77
CA LYS A 42 11.33 -20.48 -36.79
C LYS A 42 10.64 -19.14 -36.50
N ILE A 43 10.58 -18.24 -37.51
CA ILE A 43 9.95 -16.91 -37.35
C ILE A 43 8.75 -16.72 -38.28
N VAL A 44 7.56 -16.47 -37.69
CA VAL A 44 6.32 -16.23 -38.44
C VAL A 44 6.21 -14.75 -38.80
N PRO A 48 4.92 -7.01 -43.09
CA PRO A 48 4.54 -6.75 -41.70
C PRO A 48 5.65 -6.08 -40.87
N GLN A 49 5.32 -5.73 -39.60
CA GLN A 49 6.26 -5.11 -38.64
C GLN A 49 7.32 -6.13 -38.21
N SER A 50 6.97 -7.44 -38.33
CA SER A 50 7.83 -8.57 -38.00
C SER A 50 8.90 -8.73 -39.09
N VAL A 51 8.56 -8.34 -40.35
CA VAL A 51 9.44 -8.41 -41.54
C VAL A 51 10.58 -7.38 -41.42
N LYS A 52 10.29 -6.18 -40.89
CA LYS A 52 11.29 -5.15 -40.66
C LYS A 52 12.21 -5.60 -39.50
N HIS A 53 11.59 -6.09 -38.41
CA HIS A 53 12.28 -6.56 -37.19
C HIS A 53 13.21 -7.76 -37.42
N ALA A 54 12.86 -8.65 -38.38
CA ALA A 54 13.67 -9.81 -38.72
C ALA A 54 14.85 -9.40 -39.61
N LEU A 55 14.63 -8.41 -40.50
CA LEU A 55 15.65 -7.88 -41.41
C LEU A 55 16.84 -7.27 -40.67
N ARG A 56 16.55 -6.50 -39.60
CA ARG A 56 17.56 -5.86 -38.74
C ARG A 56 18.35 -6.94 -37.98
N GLU A 57 17.63 -7.91 -37.36
CA GLU A 57 18.22 -9.01 -36.59
C GLU A 57 19.15 -9.89 -37.43
N ILE A 58 18.80 -10.15 -38.71
CA ILE A 58 19.60 -10.96 -39.64
C ILE A 58 20.96 -10.27 -39.94
N LYS A 59 20.93 -8.99 -40.37
CA LYS A 59 22.09 -8.16 -40.73
C LYS A 59 23.14 -8.05 -39.63
N ILE A 60 22.70 -7.90 -38.36
CA ILE A 60 23.55 -7.78 -37.18
C ILE A 60 24.28 -9.11 -36.86
N ILE A 61 23.52 -10.15 -36.42
CA ILE A 61 23.98 -11.48 -35.98
C ILE A 61 24.82 -12.22 -37.02
N ARG A 62 24.63 -11.89 -38.30
CA ARG A 62 25.36 -12.48 -39.43
C ARG A 62 26.83 -12.04 -39.45
N ARG A 63 27.13 -10.82 -38.94
CA ARG A 63 28.48 -10.25 -38.96
C ARG A 63 29.24 -10.38 -37.64
N LEU A 64 28.59 -10.94 -36.59
CA LEU A 64 29.21 -11.15 -35.27
C LEU A 64 29.78 -12.57 -35.09
N ASP A 65 31.04 -12.65 -34.66
CA ASP A 65 31.73 -13.92 -34.43
C ASP A 65 32.66 -13.80 -33.24
N HIS A 66 32.21 -14.33 -32.13
CA HIS A 66 32.96 -14.32 -30.87
C HIS A 66 32.71 -15.63 -30.14
N ASP A 67 33.67 -16.03 -29.31
CA ASP A 67 33.61 -17.25 -28.53
C ASP A 67 32.48 -17.33 -27.51
N ASN A 68 31.95 -16.17 -27.09
CA ASN A 68 30.90 -16.07 -26.08
C ASN A 68 29.60 -15.52 -26.63
N ILE A 69 29.41 -15.67 -27.95
CA ILE A 69 28.19 -15.30 -28.68
C ILE A 69 27.81 -16.58 -29.41
N VAL A 70 26.55 -17.04 -29.24
CA VAL A 70 26.05 -18.26 -29.92
C VAL A 70 26.24 -18.09 -31.43
N LYS A 71 26.88 -19.05 -32.08
CA LYS A 71 27.17 -19.00 -33.53
C LYS A 71 25.93 -19.23 -34.37
N VAL A 72 25.71 -18.35 -35.36
CA VAL A 72 24.62 -18.44 -36.34
C VAL A 72 25.22 -19.07 -37.61
N PHE A 73 24.75 -20.26 -37.99
CA PHE A 73 25.27 -20.97 -39.15
C PHE A 73 24.63 -20.55 -40.47
N GLU A 74 23.29 -20.63 -40.55
CA GLU A 74 22.56 -20.33 -41.79
C GLU A 74 21.22 -19.63 -41.57
N ILE A 75 20.79 -18.88 -42.59
CA ILE A 75 19.49 -18.20 -42.67
C ILE A 75 18.73 -18.86 -43.84
N LEU A 76 17.63 -19.53 -43.49
CA LEU A 76 16.80 -20.32 -44.39
C LEU A 76 15.35 -19.80 -44.43
N GLY A 77 14.60 -20.21 -45.45
CA GLY A 77 13.20 -19.83 -45.60
C GLY A 77 12.32 -21.00 -45.96
N PRO A 78 11.92 -21.12 -47.25
CA PRO A 78 11.06 -22.24 -47.65
C PRO A 78 11.81 -23.59 -47.77
N SER A 79 11.94 -24.29 -46.62
CA SER A 79 12.58 -25.61 -46.47
C SER A 79 14.00 -25.67 -47.08
N GLY A 80 14.98 -25.14 -46.34
CA GLY A 80 16.39 -25.14 -46.71
C GLY A 80 16.81 -24.21 -47.83
N SER A 81 16.17 -23.02 -47.94
CA SER A 81 16.50 -22.04 -48.98
C SER A 81 17.20 -20.81 -48.37
N GLN A 82 18.46 -20.54 -48.78
CA GLN A 82 19.28 -19.45 -48.28
C GLN A 82 18.90 -18.09 -48.88
N SER A 95 7.95 -18.12 -44.02
CA SER A 95 8.62 -17.89 -42.73
C SER A 95 10.13 -18.17 -42.79
N VAL A 96 10.92 -17.57 -41.88
CA VAL A 96 12.38 -17.71 -41.81
C VAL A 96 12.82 -18.73 -40.76
N TYR A 97 13.98 -19.37 -41.01
CA TYR A 97 14.64 -20.34 -40.13
C TYR A 97 16.07 -19.90 -39.86
N ILE A 98 16.42 -19.73 -38.58
CA ILE A 98 17.78 -19.36 -38.17
C ILE A 98 18.43 -20.59 -37.56
N VAL A 99 19.42 -21.15 -38.26
CA VAL A 99 20.19 -22.33 -37.82
C VAL A 99 21.36 -21.80 -36.99
N GLN A 100 21.49 -22.27 -35.75
CA GLN A 100 22.57 -21.85 -34.88
C GLN A 100 23.13 -23.05 -34.08
N GLU A 101 24.28 -22.85 -33.41
CA GLU A 101 24.90 -23.93 -32.65
C GLU A 101 24.06 -24.39 -31.47
N TYR A 102 23.99 -25.70 -31.25
CA TYR A 102 23.27 -26.28 -30.13
C TYR A 102 24.15 -26.22 -28.89
N MET A 103 23.61 -25.65 -27.84
CA MET A 103 24.23 -25.53 -26.53
C MET A 103 23.55 -26.53 -25.63
N GLU A 104 24.30 -27.14 -24.73
CA GLU A 104 23.78 -28.17 -23.82
C GLU A 104 22.56 -27.71 -23.00
N THR A 105 22.61 -26.50 -22.45
CA THR A 105 21.54 -25.97 -21.59
C THR A 105 21.62 -24.47 -21.48
N ASP A 106 20.74 -23.88 -20.67
CA ASP A 106 20.76 -22.44 -20.39
C ASP A 106 21.08 -22.21 -18.92
N LEU A 107 21.42 -20.96 -18.57
CA LEU A 107 21.77 -20.61 -17.19
C LEU A 107 20.61 -20.77 -16.26
N ALA A 108 19.39 -20.43 -16.72
CA ALA A 108 18.17 -20.60 -15.91
C ALA A 108 18.04 -22.03 -15.43
N ASN A 109 18.29 -22.99 -16.30
CA ASN A 109 18.21 -24.40 -15.94
C ASN A 109 19.26 -24.82 -14.92
N VAL A 110 20.49 -24.33 -15.08
CA VAL A 110 21.64 -24.59 -14.21
C VAL A 110 21.35 -24.08 -12.79
N LEU A 111 20.89 -22.83 -12.66
CA LEU A 111 20.63 -22.21 -11.37
C LEU A 111 19.36 -22.72 -10.67
N GLU A 112 18.45 -23.40 -11.38
CA GLU A 112 17.25 -24.01 -10.76
C GLU A 112 17.67 -25.14 -9.81
N GLN A 113 18.85 -25.71 -10.06
CA GLN A 113 19.46 -26.80 -9.28
C GLN A 113 20.29 -26.25 -8.10
N GLY A 114 20.38 -24.93 -8.00
CA GLY A 114 21.06 -24.29 -6.90
C GLY A 114 22.13 -23.29 -7.27
N PRO A 115 22.70 -22.60 -6.27
CA PRO A 115 23.77 -21.64 -6.57
C PRO A 115 25.03 -22.31 -7.07
N LEU A 116 25.89 -21.54 -7.73
CA LEU A 116 27.15 -22.08 -8.24
C LEU A 116 28.25 -21.83 -7.22
N LEU A 117 29.36 -22.57 -7.37
CA LEU A 117 30.59 -22.36 -6.61
C LEU A 117 31.06 -20.99 -7.08
N GLU A 118 31.68 -20.21 -6.18
CA GLU A 118 32.19 -18.89 -6.54
C GLU A 118 33.10 -18.93 -7.75
N GLU A 119 33.97 -19.97 -7.87
CA GLU A 119 34.85 -20.16 -9.03
C GLU A 119 34.11 -20.32 -10.34
N HIS A 120 32.91 -20.91 -10.33
CA HIS A 120 32.10 -21.09 -11.53
C HIS A 120 31.35 -19.84 -11.90
N ALA A 121 30.80 -19.13 -10.89
CA ALA A 121 30.08 -17.87 -11.06
C ALA A 121 31.03 -16.82 -11.65
N ARG A 122 32.25 -16.77 -11.15
CA ARG A 122 33.32 -15.85 -11.57
C ARG A 122 33.77 -16.16 -12.99
N LEU A 123 33.94 -17.45 -13.36
CA LEU A 123 34.31 -17.88 -14.71
C LEU A 123 33.21 -17.55 -15.75
N PHE A 124 31.92 -17.73 -15.39
CA PHE A 124 30.80 -17.38 -16.26
C PHE A 124 30.61 -15.86 -16.38
N MET A 125 30.85 -15.12 -15.31
CA MET A 125 30.81 -13.68 -15.32
C MET A 125 31.93 -13.12 -16.27
N TYR A 126 33.11 -13.71 -16.23
CA TYR A 126 34.20 -13.30 -17.09
C TYR A 126 33.81 -13.48 -18.58
N GLN A 127 33.21 -14.63 -18.92
CA GLN A 127 32.74 -14.97 -20.27
C GLN A 127 31.59 -14.09 -20.72
N LEU A 128 30.67 -13.79 -19.80
CA LEU A 128 29.56 -12.88 -20.05
C LEU A 128 30.11 -11.47 -20.38
N LEU A 129 31.09 -11.00 -19.60
CA LEU A 129 31.71 -9.70 -19.80
C LEU A 129 32.55 -9.61 -21.09
N ARG A 130 33.18 -10.72 -21.48
CA ARG A 130 33.95 -10.82 -22.72
C ARG A 130 33.01 -10.70 -23.93
N GLY A 131 31.84 -11.37 -23.86
CA GLY A 131 30.78 -11.34 -24.86
C GLY A 131 30.14 -9.97 -24.98
N LEU A 132 30.02 -9.26 -23.85
CA LEU A 132 29.45 -7.90 -23.81
C LEU A 132 30.42 -6.89 -24.34
N LYS A 133 31.71 -6.98 -23.94
CA LYS A 133 32.77 -6.08 -24.43
C LYS A 133 32.80 -6.14 -25.96
N TYR A 134 32.64 -7.35 -26.54
CA TYR A 134 32.65 -7.57 -27.98
C TYR A 134 31.47 -6.89 -28.68
N ILE A 135 30.25 -7.21 -28.26
CA ILE A 135 29.08 -6.66 -28.94
C ILE A 135 29.00 -5.14 -28.78
N HIS A 136 29.40 -4.61 -27.60
CA HIS A 136 29.41 -3.17 -27.34
C HIS A 136 30.41 -2.46 -28.26
N SER A 137 31.55 -3.10 -28.52
CA SER A 137 32.59 -2.62 -29.44
C SER A 137 32.06 -2.51 -30.88
N ALA A 138 31.05 -3.34 -31.23
CA ALA A 138 30.39 -3.41 -32.54
C ALA A 138 29.12 -2.52 -32.57
N ASN A 139 28.89 -1.73 -31.50
CA ASN A 139 27.73 -0.86 -31.29
C ASN A 139 26.40 -1.63 -31.32
N VAL A 140 26.43 -2.84 -30.78
CA VAL A 140 25.30 -3.75 -30.62
C VAL A 140 25.09 -3.88 -29.10
N LEU A 141 23.85 -3.95 -28.65
CA LEU A 141 23.58 -4.22 -27.24
C LEU A 141 22.64 -5.42 -27.15
N HIS A 142 22.42 -5.99 -25.94
CA HIS A 142 21.48 -7.06 -25.75
C HIS A 142 20.28 -6.47 -25.03
N ARG A 143 19.13 -6.44 -25.68
CA ARG A 143 17.95 -5.82 -25.09
C ARG A 143 17.22 -6.70 -24.07
N ASP A 144 17.68 -7.95 -23.87
CA ASP A 144 16.96 -8.94 -23.04
C ASP A 144 17.92 -9.90 -22.33
N LEU A 145 18.92 -9.35 -21.66
CA LEU A 145 19.93 -10.10 -20.93
C LEU A 145 19.33 -10.65 -19.63
N LYS A 146 19.28 -11.97 -19.53
CA LYS A 146 18.67 -12.73 -18.42
C LYS A 146 19.23 -14.18 -18.51
N PRO A 147 19.20 -14.98 -17.42
CA PRO A 147 19.79 -16.33 -17.47
C PRO A 147 19.26 -17.28 -18.56
N ALA A 148 17.99 -17.14 -18.97
CA ALA A 148 17.40 -17.97 -20.04
C ALA A 148 18.04 -17.71 -21.42
N ASN A 149 18.69 -16.55 -21.58
CA ASN A 149 19.37 -16.10 -22.81
C ASN A 149 20.87 -16.30 -22.75
N LEU A 150 21.35 -17.01 -21.72
CA LEU A 150 22.77 -17.32 -21.57
C LEU A 150 22.86 -18.83 -21.62
N PHE A 151 23.57 -19.32 -22.61
CA PHE A 151 23.68 -20.76 -22.89
C PHE A 151 24.99 -21.34 -22.43
N ILE A 152 24.95 -22.55 -21.84
CA ILE A 152 26.07 -23.22 -21.22
C ILE A 152 26.35 -24.61 -21.79
N ASN A 153 27.63 -24.92 -22.00
CA ASN A 153 28.13 -26.24 -22.31
C ASN A 153 28.83 -26.58 -21.01
N THR A 154 28.17 -27.40 -20.20
CA THR A 154 28.60 -27.73 -18.84
C THR A 154 29.94 -28.49 -18.76
N GLU A 155 30.29 -29.29 -19.76
CA GLU A 155 31.57 -30.02 -19.71
C GLU A 155 32.77 -29.11 -19.94
N ASP A 156 32.63 -28.17 -20.89
CA ASP A 156 33.65 -27.21 -21.28
C ASP A 156 33.64 -25.97 -20.38
N LEU A 157 32.51 -25.72 -19.68
CA LEU A 157 32.23 -24.58 -18.79
C LEU A 157 32.28 -23.30 -19.57
N VAL A 158 31.66 -23.34 -20.76
CA VAL A 158 31.57 -22.25 -21.74
C VAL A 158 30.20 -21.61 -21.63
N LEU A 159 30.19 -20.30 -21.59
CA LEU A 159 28.98 -19.51 -21.55
C LEU A 159 28.96 -18.74 -22.86
N LYS A 160 27.80 -18.74 -23.51
CA LYS A 160 27.58 -18.01 -24.75
C LYS A 160 26.29 -17.20 -24.65
N ILE A 161 26.30 -15.97 -25.18
CA ILE A 161 25.16 -15.06 -25.19
C ILE A 161 24.29 -15.39 -26.41
N GLY A 162 23.00 -15.61 -26.16
CA GLY A 162 22.01 -15.87 -27.20
C GLY A 162 21.86 -14.67 -28.13
N ASP A 163 21.66 -14.94 -29.45
CA ASP A 163 21.51 -13.96 -30.52
C ASP A 163 20.19 -13.17 -30.52
N PHE A 164 19.09 -13.76 -30.00
CA PHE A 164 17.79 -13.08 -29.91
C PHE A 164 17.89 -12.00 -28.85
N GLY A 165 17.58 -10.77 -29.24
CA GLY A 165 17.64 -9.62 -28.34
C GLY A 165 18.74 -8.65 -28.72
N LEU A 166 19.72 -9.11 -29.55
CA LEU A 166 20.85 -8.30 -30.02
C LEU A 166 20.36 -7.24 -30.98
N ALA A 167 20.64 -5.96 -30.68
CA ALA A 167 20.22 -4.80 -31.48
C ALA A 167 21.29 -3.72 -31.60
N ARG A 168 21.21 -2.85 -32.65
CA ARG A 168 22.10 -1.68 -32.81
C ARG A 168 21.68 -0.67 -31.76
N ILE A 169 22.65 0.06 -31.17
CA ILE A 169 22.38 1.02 -30.09
C ILE A 169 21.49 2.18 -30.59
N MET A 170 21.57 2.52 -31.90
CA MET A 170 20.78 3.56 -32.56
C MET A 170 19.89 2.96 -33.68
N LEU A 180 2.24 -7.09 -27.91
CA LEU A 180 1.86 -8.50 -27.77
C LEU A 180 2.91 -9.30 -26.99
N SER A 181 2.43 -10.06 -25.97
CA SER A 181 3.17 -10.87 -24.99
C SER A 181 4.06 -10.01 -24.08
N GLU A 182 3.57 -8.79 -23.77
CA GLU A 182 4.27 -7.84 -22.90
C GLU A 182 4.39 -8.41 -21.48
N GLY A 183 3.31 -9.04 -21.01
CA GLY A 183 3.23 -9.69 -19.71
C GLY A 183 4.21 -10.84 -19.53
N LEU A 184 4.78 -11.34 -20.65
CA LEU A 184 5.76 -12.41 -20.64
C LEU A 184 7.21 -11.93 -20.65
N VAL A 185 7.43 -10.58 -20.73
CA VAL A 185 8.82 -10.06 -20.68
C VAL A 185 9.22 -9.85 -19.24
N THR A 186 10.41 -10.37 -18.90
CA THR A 186 11.06 -10.34 -17.59
C THR A 186 11.53 -8.90 -17.25
N LYS A 187 11.19 -8.40 -16.06
CA LYS A 187 11.58 -7.05 -15.65
C LYS A 187 12.67 -7.01 -14.55
N TRP A 188 12.99 -8.17 -13.94
CA TRP A 188 13.95 -8.37 -12.85
C TRP A 188 15.40 -7.97 -13.08
N TYR A 189 15.83 -7.81 -14.37
CA TYR A 189 17.22 -7.47 -14.71
C TYR A 189 17.34 -6.05 -15.24
N ARG A 190 16.24 -5.31 -15.16
CA ARG A 190 16.15 -3.93 -15.62
C ARG A 190 16.74 -3.00 -14.62
N SER A 191 17.57 -2.07 -15.13
CA SER A 191 18.26 -1.06 -14.31
C SER A 191 17.29 -0.02 -13.83
N PRO A 192 17.60 0.74 -12.73
CA PRO A 192 16.69 1.81 -12.31
C PRO A 192 16.39 2.81 -13.45
N ARG A 193 17.40 3.19 -14.26
CA ARG A 193 17.21 4.08 -15.41
C ARG A 193 16.20 3.51 -16.39
N LEU A 194 16.26 2.21 -16.68
CA LEU A 194 15.33 1.53 -17.58
C LEU A 194 13.89 1.40 -16.97
N LEU A 195 13.78 1.37 -15.63
CA LEU A 195 12.47 1.38 -14.98
C LEU A 195 11.86 2.78 -15.12
N LEU A 196 12.71 3.84 -15.06
CA LEU A 196 12.28 5.24 -15.21
C LEU A 196 12.06 5.70 -16.65
N SER A 197 12.83 5.20 -17.62
CA SER A 197 12.74 5.52 -19.05
C SER A 197 12.70 4.16 -19.80
N PRO A 198 11.50 3.54 -19.88
CA PRO A 198 11.37 2.17 -20.42
C PRO A 198 11.81 1.88 -21.85
N ASN A 199 11.98 2.89 -22.70
CA ASN A 199 12.37 2.65 -24.09
C ASN A 199 13.85 2.85 -24.40
N ASN A 200 14.53 3.66 -23.60
CA ASN A 200 15.92 4.02 -23.84
C ASN A 200 16.88 2.88 -23.46
N TYR A 201 17.56 2.30 -24.48
CA TYR A 201 18.53 1.22 -24.27
C TYR A 201 19.97 1.71 -24.47
N THR A 202 20.88 1.30 -23.56
CA THR A 202 22.31 1.69 -23.58
C THR A 202 23.19 0.49 -23.23
N LYS A 203 24.51 0.66 -23.35
CA LYS A 203 25.50 -0.36 -23.00
C LYS A 203 25.43 -0.59 -21.48
N ALA A 204 25.24 0.50 -20.71
CA ALA A 204 25.15 0.49 -19.25
C ALA A 204 23.99 -0.38 -18.73
N ILE A 205 22.84 -0.43 -19.44
CA ILE A 205 21.71 -1.25 -19.02
C ILE A 205 22.11 -2.76 -19.02
N ASP A 206 22.95 -3.19 -20.00
CA ASP A 206 23.45 -4.57 -20.09
C ASP A 206 24.36 -4.85 -18.90
N MET A 207 25.15 -3.85 -18.47
CA MET A 207 26.05 -3.98 -17.31
C MET A 207 25.27 -4.20 -16.01
N TRP A 208 24.13 -3.53 -15.85
CA TRP A 208 23.27 -3.73 -14.69
C TRP A 208 22.79 -5.16 -14.70
N ALA A 209 22.15 -5.62 -15.79
CA ALA A 209 21.68 -7.01 -15.93
C ALA A 209 22.81 -8.04 -15.65
N ALA A 210 24.06 -7.82 -16.15
CA ALA A 210 25.22 -8.67 -15.86
C ALA A 210 25.52 -8.78 -14.33
N GLY A 211 25.39 -7.68 -13.61
CA GLY A 211 25.56 -7.65 -12.15
C GLY A 211 24.48 -8.44 -11.44
N CYS A 212 23.22 -8.33 -11.90
CA CYS A 212 22.07 -9.10 -11.37
C CYS A 212 22.23 -10.57 -11.61
N ILE A 213 22.77 -10.93 -12.78
CA ILE A 213 22.99 -12.31 -13.17
C ILE A 213 24.11 -12.89 -12.31
N PHE A 214 25.21 -12.15 -12.12
CA PHE A 214 26.32 -12.59 -11.25
C PHE A 214 25.83 -12.89 -9.82
N ALA A 215 25.09 -11.94 -9.21
CA ALA A 215 24.50 -12.09 -7.86
C ALA A 215 23.64 -13.37 -7.79
N GLU A 216 22.81 -13.59 -8.82
CA GLU A 216 21.97 -14.77 -8.95
C GLU A 216 22.79 -16.07 -9.08
N MET A 217 23.94 -16.02 -9.75
CA MET A 217 24.79 -17.21 -9.89
C MET A 217 25.36 -17.63 -8.55
N LEU A 218 25.65 -16.64 -7.67
CA LEU A 218 26.23 -16.81 -6.34
C LEU A 218 25.22 -17.25 -5.30
N THR A 219 23.97 -16.81 -5.41
CA THR A 219 22.93 -17.14 -4.42
C THR A 219 21.91 -18.17 -4.89
N GLY A 220 21.72 -18.27 -6.20
CA GLY A 220 20.74 -19.14 -6.81
C GLY A 220 19.37 -18.45 -6.86
N LYS A 221 19.22 -17.31 -6.14
CA LYS A 221 17.99 -16.50 -6.05
C LYS A 221 18.09 -15.24 -6.88
N THR A 222 16.95 -14.72 -7.39
CA THR A 222 16.85 -13.47 -8.15
C THR A 222 17.21 -12.36 -7.14
N LEU A 223 18.11 -11.45 -7.53
CA LEU A 223 18.53 -10.38 -6.64
C LEU A 223 17.39 -9.43 -6.29
N PHE A 224 16.69 -8.90 -7.30
CA PHE A 224 15.56 -7.99 -7.12
C PHE A 224 14.35 -8.57 -7.85
N ALA A 225 13.43 -9.21 -7.10
CA ALA A 225 12.26 -9.87 -7.66
C ALA A 225 10.93 -9.14 -7.41
N GLY A 226 10.79 -7.97 -8.01
CA GLY A 226 9.58 -7.15 -7.91
C GLY A 226 8.52 -7.53 -8.91
N ALA A 227 7.26 -7.60 -8.44
CA ALA A 227 6.07 -7.95 -9.21
C ALA A 227 5.78 -6.94 -10.32
N HIS A 228 5.96 -5.63 -10.03
CA HIS A 228 5.77 -4.53 -10.99
C HIS A 228 6.92 -3.54 -10.86
N GLU A 229 6.99 -2.56 -11.79
CA GLU A 229 8.05 -1.53 -11.82
C GLU A 229 8.20 -0.78 -10.48
N LEU A 230 7.09 -0.48 -9.77
CA LEU A 230 7.10 0.20 -8.47
C LEU A 230 7.80 -0.64 -7.37
N GLU A 231 7.41 -1.92 -7.21
CA GLU A 231 8.01 -2.84 -6.23
C GLU A 231 9.49 -3.06 -6.54
N GLN A 232 9.86 -3.12 -7.83
CA GLN A 232 11.22 -3.31 -8.32
C GLN A 232 12.13 -2.16 -7.85
N MET A 233 11.69 -0.92 -8.12
CA MET A 233 12.42 0.27 -7.71
C MET A 233 12.59 0.33 -6.18
N GLN A 234 11.53 0.01 -5.43
CA GLN A 234 11.55 -0.03 -3.96
C GLN A 234 12.58 -1.04 -3.46
N LEU A 235 12.69 -2.22 -4.13
CA LEU A 235 13.66 -3.26 -3.79
C LEU A 235 15.09 -2.82 -4.03
N ILE A 236 15.33 -2.16 -5.17
CA ILE A 236 16.66 -1.64 -5.53
C ILE A 236 17.04 -0.52 -4.51
N LEU A 237 16.12 0.43 -4.24
CA LEU A 237 16.34 1.55 -3.30
C LEU A 237 16.64 1.13 -1.88
N GLU A 238 16.19 -0.08 -1.48
CA GLU A 238 16.45 -0.67 -0.18
C GLU A 238 17.91 -1.14 -0.07
N SER A 239 18.61 -1.33 -1.22
CA SER A 239 19.95 -1.88 -1.21
C SER A 239 21.03 -1.05 -1.93
N ILE A 240 20.64 -0.24 -2.91
CA ILE A 240 21.57 0.54 -3.74
C ILE A 240 21.56 2.01 -3.36
N PRO A 241 22.75 2.58 -3.02
CA PRO A 241 22.79 4.02 -2.69
C PRO A 241 22.53 4.91 -3.89
N VAL A 242 21.92 6.08 -3.65
CA VAL A 242 21.65 7.12 -4.64
C VAL A 242 22.62 8.23 -4.23
N VAL A 243 23.71 8.41 -4.97
CA VAL A 243 24.78 9.33 -4.62
C VAL A 243 24.73 10.68 -5.37
N HIS A 244 23.86 10.80 -6.38
CA HIS A 244 23.74 12.03 -7.16
C HIS A 244 22.41 12.70 -6.89
N GLU A 245 22.43 14.04 -6.68
CA GLU A 245 21.21 14.82 -6.40
C GLU A 245 20.25 14.83 -7.60
N GLU A 246 20.78 14.76 -8.84
CA GLU A 246 20.02 14.67 -10.09
C GLU A 246 19.08 13.43 -10.04
N ASP A 247 19.64 12.25 -9.64
CA ASP A 247 18.94 10.98 -9.48
C ASP A 247 17.92 11.04 -8.33
N ARG A 248 18.28 11.67 -7.19
CA ARG A 248 17.37 11.81 -6.04
C ARG A 248 16.19 12.75 -6.37
N GLN A 249 16.45 13.83 -7.15
CA GLN A 249 15.43 14.78 -7.60
C GLN A 249 14.44 14.12 -8.54
N GLU A 250 14.95 13.22 -9.40
CA GLU A 250 14.15 12.44 -10.34
C GLU A 250 13.24 11.43 -9.61
N LEU A 251 13.78 10.77 -8.57
CA LEU A 251 13.05 9.82 -7.74
C LEU A 251 11.98 10.49 -6.85
N LEU A 252 12.23 11.74 -6.42
CA LEU A 252 11.31 12.51 -5.60
C LEU A 252 10.01 12.85 -6.33
N SER A 253 10.07 12.93 -7.67
CA SER A 253 8.92 13.24 -8.53
C SER A 253 8.07 11.99 -8.79
N VAL A 254 8.74 10.84 -8.90
CA VAL A 254 8.13 9.55 -9.19
C VAL A 254 7.55 8.87 -7.92
N ILE A 255 8.35 8.77 -6.85
CA ILE A 255 7.94 8.12 -5.58
C ILE A 255 8.38 8.94 -4.33
N PRO A 256 7.67 10.01 -3.96
CA PRO A 256 8.13 10.84 -2.82
C PRO A 256 8.23 10.16 -1.44
N VAL A 257 7.31 9.23 -1.11
CA VAL A 257 7.24 8.57 0.21
C VAL A 257 8.53 7.82 0.59
N TYR A 258 9.01 6.90 -0.28
CA TYR A 258 10.21 6.10 -0.01
C TYR A 258 11.55 6.83 -0.34
N ILE A 259 11.50 8.18 -0.51
CA ILE A 259 12.68 9.01 -0.73
C ILE A 259 13.00 9.83 0.53
N ARG A 260 14.15 9.51 1.15
CA ARG A 260 14.71 10.13 2.34
C ARG A 260 15.71 11.19 1.91
N ASN A 261 16.12 12.07 2.86
CA ASN A 261 17.09 13.14 2.62
C ASN A 261 18.51 12.57 2.37
N ASP A 262 18.85 11.43 3.04
CA ASP A 262 20.13 10.72 2.89
C ASP A 262 19.87 9.35 2.25
N MET A 263 20.07 9.25 0.93
CA MET A 263 19.89 8.00 0.17
C MET A 263 21.25 7.30 -0.06
N THR A 264 22.32 7.86 0.52
CA THR A 264 23.71 7.39 0.48
C THR A 264 23.88 6.08 1.28
N GLU A 265 23.02 5.87 2.30
CA GLU A 265 23.07 4.68 3.16
C GLU A 265 21.80 3.81 3.07
N PRO A 266 21.78 2.75 2.21
CA PRO A 266 20.58 1.88 2.13
C PRO A 266 20.28 1.12 3.42
N HIS A 267 19.00 0.73 3.59
CA HIS A 267 18.48 0.02 4.76
C HIS A 267 18.95 -1.42 4.85
N LYS A 268 19.13 -2.07 3.67
CA LYS A 268 19.59 -3.45 3.54
C LYS A 268 20.66 -3.50 2.44
N PRO A 269 21.93 -3.08 2.72
CA PRO A 269 22.98 -3.12 1.67
C PRO A 269 23.30 -4.50 1.05
N LEU A 270 24.01 -4.50 -0.12
CA LEU A 270 24.39 -5.69 -0.91
C LEU A 270 25.01 -6.82 -0.09
N THR A 271 25.81 -6.47 0.93
CA THR A 271 26.46 -7.42 1.84
C THR A 271 25.38 -8.28 2.56
N GLN A 272 24.24 -7.66 2.95
CA GLN A 272 23.12 -8.35 3.61
C GLN A 272 22.34 -9.25 2.65
N LEU A 273 22.29 -8.89 1.35
CA LEU A 273 21.58 -9.67 0.33
C LEU A 273 22.40 -10.87 -0.17
N LEU A 274 23.71 -10.85 0.06
CA LEU A 274 24.61 -11.94 -0.35
C LEU A 274 25.39 -12.36 0.89
N PRO A 275 24.74 -12.97 1.93
CA PRO A 275 25.44 -13.19 3.20
C PRO A 275 26.57 -14.24 3.24
N GLY A 276 26.47 -15.31 2.48
CA GLY A 276 27.51 -16.34 2.52
C GLY A 276 28.74 -16.06 1.67
N ILE A 277 28.54 -15.30 0.56
CA ILE A 277 29.54 -15.00 -0.48
C ILE A 277 30.62 -14.00 0.01
N SER A 278 31.82 -14.07 -0.62
CA SER A 278 33.06 -13.35 -0.29
C SER A 278 33.04 -11.85 -0.46
N ARG A 279 33.85 -11.13 0.34
CA ARG A 279 33.99 -9.67 0.30
C ARG A 279 34.42 -9.19 -1.09
N GLU A 280 35.34 -9.94 -1.72
CA GLU A 280 35.92 -9.66 -3.04
C GLU A 280 34.84 -9.58 -4.12
N ALA A 281 33.91 -10.54 -4.08
CA ALA A 281 32.81 -10.66 -5.01
C ALA A 281 31.79 -9.57 -4.79
N VAL A 282 31.45 -9.26 -3.51
CA VAL A 282 30.47 -8.20 -3.17
C VAL A 282 31.03 -6.83 -3.56
N ASP A 283 32.33 -6.61 -3.32
CA ASP A 283 33.00 -5.37 -3.66
C ASP A 283 32.98 -5.12 -5.17
N PHE A 284 33.20 -6.17 -5.96
CA PHE A 284 33.19 -6.12 -7.41
C PHE A 284 31.78 -5.77 -7.90
N LEU A 285 30.78 -6.46 -7.36
CA LEU A 285 29.36 -6.27 -7.65
C LEU A 285 28.87 -4.86 -7.26
N GLU A 286 29.38 -4.28 -6.14
CA GLU A 286 29.03 -2.93 -5.70
C GLU A 286 29.42 -1.88 -6.77
N GLN A 287 30.46 -2.20 -7.57
CA GLN A 287 30.98 -1.35 -8.64
C GLN A 287 30.19 -1.45 -9.95
N ILE A 288 29.32 -2.46 -10.06
CA ILE A 288 28.44 -2.70 -11.21
C ILE A 288 27.01 -2.29 -10.86
N LEU A 289 26.54 -2.69 -9.69
CA LEU A 289 25.19 -2.34 -9.26
C LEU A 289 25.16 -0.98 -8.61
N THR A 290 25.49 0.06 -9.42
CA THR A 290 25.44 1.46 -9.03
C THR A 290 24.17 1.98 -9.66
N PHE A 291 23.45 2.86 -8.95
CA PHE A 291 22.22 3.47 -9.39
C PHE A 291 22.38 4.25 -10.71
N SER A 292 23.46 5.03 -10.80
CA SER A 292 23.77 5.85 -11.97
C SER A 292 24.67 5.11 -12.98
N PRO A 293 24.30 5.15 -14.29
CA PRO A 293 25.15 4.54 -15.31
C PRO A 293 26.55 5.17 -15.43
N MET A 294 26.73 6.42 -14.91
CA MET A 294 27.98 7.17 -15.01
C MET A 294 29.04 6.78 -13.94
N ASP A 295 28.64 5.99 -12.95
CA ASP A 295 29.54 5.47 -11.93
C ASP A 295 29.82 3.99 -12.18
N ARG A 296 28.94 3.36 -12.96
CA ARG A 296 28.99 1.96 -13.31
C ARG A 296 30.19 1.63 -14.20
N LEU A 297 30.79 0.46 -13.95
CA LEU A 297 31.90 -0.06 -14.74
C LEU A 297 31.34 -0.47 -16.10
N THR A 298 32.11 -0.25 -17.15
CA THR A 298 31.79 -0.73 -18.50
C THR A 298 32.28 -2.18 -18.52
N ALA A 299 31.87 -2.97 -19.52
CA ALA A 299 32.32 -4.35 -19.68
C ALA A 299 33.87 -4.42 -19.70
N GLU A 300 34.50 -3.50 -20.44
CA GLU A 300 35.95 -3.35 -20.54
C GLU A 300 36.61 -3.05 -19.16
N GLU A 301 36.03 -2.12 -18.39
CA GLU A 301 36.54 -1.74 -17.06
C GLU A 301 36.38 -2.89 -16.08
N ALA A 302 35.24 -3.61 -16.11
CA ALA A 302 34.98 -4.76 -15.25
C ALA A 302 35.97 -5.91 -15.52
N LEU A 303 36.42 -6.07 -16.78
CA LEU A 303 37.39 -7.11 -17.16
C LEU A 303 38.80 -6.77 -16.71
N SER A 304 39.07 -5.47 -16.57
CA SER A 304 40.35 -4.96 -16.11
C SER A 304 40.43 -4.96 -14.60
N HIS A 305 39.29 -5.07 -13.90
CA HIS A 305 39.19 -5.10 -12.44
C HIS A 305 40.00 -6.29 -11.92
N PRO A 306 40.79 -6.16 -10.82
CA PRO A 306 41.62 -7.30 -10.36
C PRO A 306 40.85 -8.59 -10.10
N TYR A 307 39.55 -8.50 -9.80
CA TYR A 307 38.68 -9.65 -9.58
C TYR A 307 38.45 -10.49 -10.87
N MET A 308 38.54 -9.86 -12.06
CA MET A 308 38.33 -10.51 -13.37
C MET A 308 39.63 -10.73 -14.15
N SER A 309 40.61 -9.83 -13.92
CA SER A 309 41.91 -9.84 -14.57
C SER A 309 42.73 -11.18 -14.32
N ILE A 310 42.30 -12.04 -13.33
CA ILE A 310 42.94 -13.33 -12.93
C ILE A 310 42.89 -14.43 -14.04
N TYR A 311 42.15 -14.22 -15.12
CA TYR A 311 42.10 -15.13 -16.26
C TYR A 311 43.03 -14.44 -17.27
N SER A 312 44.36 -14.59 -17.01
CA SER A 312 45.50 -13.98 -17.71
C SER A 312 45.51 -14.13 -19.23
N LEU B 8 16.59 52.31 41.76
CA LEU B 8 17.17 53.05 40.64
C LEU B 8 16.07 53.80 39.88
N GLY B 9 16.19 55.13 39.84
CA GLY B 9 15.25 56.01 39.17
C GLY B 9 14.12 56.54 40.05
N SER B 10 13.68 57.79 39.78
CA SER B 10 12.63 58.51 40.52
C SER B 10 11.21 57.87 40.42
N ARG B 11 11.14 56.62 39.91
CA ARG B 11 9.92 55.83 39.75
C ARG B 11 10.01 54.51 40.51
N TYR B 12 11.06 53.72 40.23
CA TYR B 12 11.24 52.37 40.76
C TYR B 12 12.07 52.32 42.04
N MET B 13 11.61 51.48 42.98
CA MET B 13 12.12 51.37 44.34
C MET B 13 11.94 49.94 44.89
N ASP B 14 12.79 49.54 45.88
CA ASP B 14 12.83 48.23 46.54
C ASP B 14 13.02 47.06 45.56
N LEU B 15 14.15 47.06 44.82
CA LEU B 15 14.44 46.01 43.84
C LEU B 15 14.82 44.68 44.51
N LYS B 16 13.97 43.63 44.30
CA LYS B 16 14.06 42.27 44.86
C LYS B 16 14.22 41.16 43.79
N PRO B 17 15.10 40.14 43.99
CA PRO B 17 15.29 39.11 42.94
C PRO B 17 14.08 38.28 42.58
N LEU B 18 14.00 37.88 41.29
CA LEU B 18 12.91 37.10 40.70
C LEU B 18 13.39 35.88 39.90
N GLY B 19 14.65 35.91 39.46
CA GLY B 19 15.29 34.86 38.68
C GLY B 19 15.87 35.33 37.37
N CYS B 20 16.44 34.40 36.58
CA CYS B 20 17.04 34.73 35.29
C CYS B 20 16.11 34.42 34.12
N GLY B 21 16.05 35.37 33.18
CA GLY B 21 15.26 35.26 31.96
C GLY B 21 16.10 34.78 30.79
N GLY B 22 15.60 35.04 29.59
CA GLY B 22 16.26 34.66 28.35
C GLY B 22 17.44 35.56 28.03
N ASN B 23 17.20 36.88 28.08
CA ASN B 23 18.22 37.87 27.77
C ASN B 23 18.87 38.53 29.01
N GLY B 24 18.23 38.43 30.18
CA GLY B 24 18.77 39.01 31.40
C GLY B 24 18.05 38.75 32.71
N LEU B 25 18.63 39.30 33.82
CA LEU B 25 18.17 39.20 35.22
C LEU B 25 16.81 39.87 35.42
N VAL B 26 15.97 39.33 36.32
CA VAL B 26 14.63 39.89 36.58
C VAL B 26 14.49 40.23 38.08
N PHE B 27 13.98 41.45 38.38
CA PHE B 27 13.75 42.00 39.72
C PHE B 27 12.29 42.48 39.88
N SER B 28 11.76 42.44 41.10
CA SER B 28 10.44 42.97 41.42
C SER B 28 10.64 44.29 42.14
N ALA B 29 9.96 45.35 41.70
CA ALA B 29 10.09 46.68 42.28
C ALA B 29 8.74 47.37 42.36
N VAL B 30 8.68 48.54 43.03
CA VAL B 30 7.46 49.33 43.17
C VAL B 30 7.60 50.57 42.29
N ASP B 31 6.54 50.89 41.54
CA ASP B 31 6.46 52.08 40.71
C ASP B 31 5.79 53.20 41.56
N ASN B 32 6.59 54.06 42.25
CA ASN B 32 6.15 55.18 43.13
C ASN B 32 5.29 56.27 42.44
N ASP B 33 4.89 56.04 41.19
CA ASP B 33 4.07 56.94 40.37
C ASP B 33 2.66 56.37 40.23
N CYS B 34 2.57 55.03 40.17
CA CYS B 34 1.33 54.28 40.02
C CYS B 34 0.98 53.52 41.34
N ASP B 35 1.92 53.53 42.33
CA ASP B 35 1.84 52.86 43.65
C ASP B 35 1.59 51.34 43.49
N LYS B 36 2.04 50.79 42.32
CA LYS B 36 1.92 49.41 41.90
C LYS B 36 3.27 48.65 41.89
N ARG B 37 3.20 47.31 41.82
CA ARG B 37 4.37 46.42 41.73
C ARG B 37 4.64 46.09 40.26
N VAL B 38 5.92 46.10 39.87
CA VAL B 38 6.37 45.81 38.50
C VAL B 38 7.48 44.76 38.49
N ALA B 39 7.70 44.15 37.31
CA ALA B 39 8.77 43.19 37.07
C ALA B 39 9.71 43.91 36.09
N ILE B 40 10.99 44.02 36.46
CA ILE B 40 12.02 44.71 35.68
C ILE B 40 13.06 43.69 35.22
N LYS B 41 13.32 43.64 33.90
CA LYS B 41 14.32 42.75 33.35
C LYS B 41 15.54 43.58 32.93
N LYS B 42 16.72 43.28 33.52
CA LYS B 42 18.01 43.92 33.23
C LYS B 42 18.76 43.06 32.19
N ILE B 43 19.04 43.65 31.04
CA ILE B 43 19.82 42.97 30.02
C ILE B 43 21.20 43.64 30.05
N VAL B 44 22.26 42.86 30.35
CA VAL B 44 23.62 43.37 30.41
C VAL B 44 24.16 43.42 28.97
N LEU B 45 24.65 44.60 28.54
CA LEU B 45 25.15 44.81 27.19
C LEU B 45 26.68 44.88 27.16
N THR B 46 27.30 43.68 27.12
CA THR B 46 28.76 43.46 27.11
C THR B 46 29.39 43.50 25.73
N ASP B 47 28.80 42.75 24.77
CA ASP B 47 29.24 42.57 23.39
C ASP B 47 28.13 42.80 22.34
N PRO B 48 28.47 43.11 21.05
CA PRO B 48 27.41 43.33 20.03
C PRO B 48 26.40 42.20 19.84
N GLN B 49 26.79 40.94 20.09
CA GLN B 49 25.90 39.77 19.96
C GLN B 49 24.75 39.80 20.98
N SER B 50 25.05 40.33 22.18
CA SER B 50 24.07 40.48 23.27
C SER B 50 23.10 41.62 22.92
N VAL B 51 23.59 42.63 22.16
CA VAL B 51 22.85 43.81 21.71
C VAL B 51 21.81 43.44 20.65
N LYS B 52 22.19 42.57 19.68
CA LYS B 52 21.32 42.11 18.59
C LYS B 52 20.12 41.34 19.14
N HIS B 53 20.38 40.46 20.13
CA HIS B 53 19.39 39.64 20.82
C HIS B 53 18.53 40.45 21.78
N ALA B 54 19.10 41.57 22.31
CA ALA B 54 18.41 42.51 23.21
C ALA B 54 17.48 43.45 22.45
N LEU B 55 17.89 43.96 21.29
CA LEU B 55 17.10 44.86 20.44
C LEU B 55 15.92 44.09 19.83
N ARG B 56 16.14 42.80 19.46
CA ARG B 56 15.14 41.88 18.88
C ARG B 56 13.92 41.72 19.79
N GLU B 57 14.17 41.47 21.12
CA GLU B 57 13.11 41.31 22.13
C GLU B 57 12.29 42.60 22.24
N ILE B 58 12.95 43.79 22.24
CA ILE B 58 12.29 45.11 22.28
C ILE B 58 11.34 45.25 21.07
N LYS B 59 11.80 44.86 19.86
CA LYS B 59 10.98 44.92 18.64
C LYS B 59 9.70 44.09 18.84
N ILE B 60 9.86 42.79 19.24
CA ILE B 60 8.81 41.81 19.48
C ILE B 60 7.83 42.28 20.57
N ILE B 61 8.34 42.50 21.81
CA ILE B 61 7.56 42.90 23.00
C ILE B 61 6.86 44.27 22.83
N ARG B 62 7.24 45.06 21.81
CA ARG B 62 6.62 46.36 21.50
C ARG B 62 5.38 46.11 20.64
N ARG B 63 5.45 45.11 19.74
CA ARG B 63 4.37 44.75 18.81
C ARG B 63 3.18 44.07 19.48
N LEU B 64 3.46 43.04 20.31
CA LEU B 64 2.47 42.19 20.99
C LEU B 64 1.75 42.80 22.20
N ASP B 65 0.48 43.21 21.98
CA ASP B 65 -0.48 43.70 22.98
C ASP B 65 -1.69 42.73 22.95
N HIS B 66 -1.90 42.00 24.06
CA HIS B 66 -2.95 40.99 24.20
C HIS B 66 -3.16 40.68 25.68
N ASP B 67 -4.37 40.22 26.04
CA ASP B 67 -4.76 39.86 27.41
C ASP B 67 -3.99 38.72 28.03
N ASN B 68 -3.40 37.86 27.19
CA ASN B 68 -2.66 36.66 27.60
C ASN B 68 -1.20 36.74 27.27
N ILE B 69 -0.69 37.98 27.12
CA ILE B 69 0.72 38.30 26.90
C ILE B 69 1.06 39.27 28.02
N VAL B 70 2.11 38.98 28.80
CA VAL B 70 2.54 39.85 29.90
C VAL B 70 2.74 41.26 29.34
N LYS B 71 2.00 42.23 29.90
CA LYS B 71 2.02 43.64 29.52
C LYS B 71 3.39 44.29 29.73
N VAL B 72 3.91 44.97 28.70
CA VAL B 72 5.16 45.75 28.77
C VAL B 72 4.78 47.22 28.97
N PHE B 73 5.20 47.79 30.11
CA PHE B 73 4.87 49.16 30.46
C PHE B 73 5.78 50.20 29.81
N GLU B 74 7.10 50.03 29.94
CA GLU B 74 8.10 50.95 29.39
C GLU B 74 9.43 50.25 29.14
N ILE B 75 10.23 50.81 28.21
CA ILE B 75 11.59 50.36 27.87
C ILE B 75 12.52 51.53 28.30
N LEU B 76 13.43 51.24 29.25
CA LEU B 76 14.28 52.21 29.93
C LEU B 76 15.79 52.08 29.74
N GLY B 77 16.49 53.16 30.08
CA GLY B 77 17.95 53.25 30.06
C GLY B 77 18.52 53.02 31.45
N PRO B 78 19.86 52.96 31.62
CA PRO B 78 20.44 52.68 32.95
C PRO B 78 20.13 53.70 34.06
N SER B 79 19.73 54.92 33.66
CA SER B 79 19.41 56.04 34.56
C SER B 79 17.90 56.27 34.76
N GLY B 80 17.07 55.59 33.97
CA GLY B 80 15.61 55.67 34.03
C GLY B 80 14.96 56.41 32.88
N SER B 81 15.76 56.77 31.85
CA SER B 81 15.29 57.50 30.67
C SER B 81 14.64 56.58 29.64
N GLN B 82 13.51 57.02 29.03
CA GLN B 82 12.78 56.25 28.01
C GLN B 82 13.54 56.22 26.67
N LEU B 83 13.43 55.09 25.94
CA LEU B 83 14.11 54.85 24.67
C LEU B 83 13.20 54.96 23.43
N THR B 84 13.76 55.51 22.31
CA THR B 84 13.09 55.67 21.01
C THR B 84 12.83 54.29 20.38
N LEU B 93 25.61 52.88 26.24
CA LEU B 93 24.50 52.10 26.81
C LEU B 93 24.96 50.69 27.22
N ASN B 94 25.34 50.54 28.51
CA ASN B 94 25.86 49.31 29.09
C ASN B 94 24.77 48.34 29.53
N SER B 95 23.53 48.83 29.74
CA SER B 95 22.37 48.00 30.10
C SER B 95 21.07 48.58 29.57
N VAL B 96 19.98 47.82 29.70
CA VAL B 96 18.64 48.19 29.27
C VAL B 96 17.62 47.53 30.22
N TYR B 97 16.62 48.30 30.67
CA TYR B 97 15.62 47.82 31.62
C TYR B 97 14.24 47.79 31.00
N ILE B 98 13.64 46.59 30.90
CA ILE B 98 12.29 46.41 30.36
C ILE B 98 11.33 46.16 31.51
N VAL B 99 10.53 47.20 31.79
CA VAL B 99 9.54 47.23 32.87
C VAL B 99 8.21 46.72 32.34
N GLN B 100 7.73 45.64 32.94
CA GLN B 100 6.50 44.93 32.58
C GLN B 100 5.65 44.69 33.81
N GLU B 101 4.45 44.10 33.64
CA GLU B 101 3.57 43.85 34.79
C GLU B 101 4.07 42.73 35.69
N TYR B 102 3.82 42.87 37.01
CA TYR B 102 4.15 41.86 37.99
C TYR B 102 3.00 40.88 38.08
N MET B 103 3.32 39.61 37.87
CA MET B 103 2.42 38.49 37.96
C MET B 103 2.71 37.81 39.28
N GLU B 104 1.67 37.34 39.95
CA GLU B 104 1.81 36.69 41.25
C GLU B 104 2.82 35.50 41.24
N THR B 105 2.79 34.65 40.22
CA THR B 105 3.68 33.50 40.14
C THR B 105 3.77 32.96 38.70
N ASP B 106 4.51 31.85 38.52
CA ASP B 106 4.59 31.19 37.21
C ASP B 106 3.95 29.81 37.34
N LEU B 107 3.66 29.16 36.20
CA LEU B 107 3.03 27.85 36.19
C LEU B 107 3.93 26.73 36.78
N ALA B 108 5.28 26.83 36.65
CA ALA B 108 6.22 25.85 37.21
C ALA B 108 6.12 25.82 38.72
N ASN B 109 6.00 27.00 39.37
CA ASN B 109 5.84 27.14 40.82
C ASN B 109 4.49 26.54 41.27
N VAL B 110 3.41 26.78 40.50
CA VAL B 110 2.06 26.28 40.75
C VAL B 110 2.03 24.75 40.71
N LEU B 111 2.60 24.15 39.65
CA LEU B 111 2.63 22.71 39.45
C LEU B 111 3.54 21.95 40.42
N GLU B 112 4.55 22.64 41.02
CA GLU B 112 5.47 22.04 42.02
C GLU B 112 4.66 21.53 43.20
N GLN B 113 3.51 22.20 43.46
CA GLN B 113 2.58 21.90 44.56
C GLN B 113 1.53 20.84 44.18
N GLY B 114 1.59 20.37 42.93
CA GLY B 114 0.69 19.32 42.45
C GLY B 114 -0.10 19.62 41.19
N PRO B 115 -0.85 18.61 40.71
CA PRO B 115 -1.67 18.83 39.50
C PRO B 115 -2.84 19.76 39.74
N LEU B 116 -3.37 20.32 38.65
CA LEU B 116 -4.53 21.18 38.74
C LEU B 116 -5.83 20.39 38.58
N LEU B 117 -6.96 20.98 39.02
CA LEU B 117 -8.29 20.45 38.76
C LEU B 117 -8.44 20.55 37.23
N GLU B 118 -9.12 19.58 36.61
CA GLU B 118 -9.29 19.62 35.16
C GLU B 118 -9.88 20.96 34.66
N GLU B 119 -10.84 21.53 35.41
CA GLU B 119 -11.46 22.82 35.10
C GLU B 119 -10.42 23.97 35.03
N HIS B 120 -9.36 23.90 35.86
CA HIS B 120 -8.31 24.92 35.88
C HIS B 120 -7.33 24.74 34.78
N ALA B 121 -6.93 23.49 34.52
CA ALA B 121 -6.02 23.11 33.44
C ALA B 121 -6.63 23.54 32.09
N ARG B 122 -7.92 23.30 31.90
CA ARG B 122 -8.68 23.63 30.71
C ARG B 122 -8.77 25.16 30.50
N LEU B 123 -9.08 25.90 31.57
CA LEU B 123 -9.16 27.35 31.52
C LEU B 123 -7.80 28.01 31.18
N PHE B 124 -6.70 27.47 31.74
CA PHE B 124 -5.32 27.91 31.50
C PHE B 124 -4.89 27.59 30.11
N MET B 125 -5.26 26.39 29.58
CA MET B 125 -4.99 25.93 28.21
C MET B 125 -5.67 26.86 27.19
N TYR B 126 -6.91 27.25 27.46
CA TYR B 126 -7.64 28.20 26.62
C TYR B 126 -6.88 29.53 26.48
N GLN B 127 -6.40 30.06 27.62
CA GLN B 127 -5.63 31.30 27.70
C GLN B 127 -4.29 31.21 27.00
N LEU B 128 -3.61 30.05 27.17
CA LEU B 128 -2.33 29.76 26.50
C LEU B 128 -2.55 29.80 24.97
N LEU B 129 -3.63 29.13 24.49
CA LEU B 129 -3.97 29.04 23.07
C LEU B 129 -4.36 30.35 22.48
N ARG B 130 -5.05 31.21 23.26
CA ARG B 130 -5.45 32.56 22.85
C ARG B 130 -4.23 33.43 22.64
N GLY B 131 -3.27 33.37 23.57
CA GLY B 131 -2.00 34.05 23.45
C GLY B 131 -1.19 33.57 22.26
N LEU B 132 -1.14 32.21 22.01
CA LEU B 132 -0.41 31.62 20.87
C LEU B 132 -0.99 32.01 19.56
N LYS B 133 -2.34 31.96 19.45
CA LYS B 133 -3.05 32.36 18.24
C LYS B 133 -2.66 33.78 17.89
N TYR B 134 -2.56 34.68 18.91
CA TYR B 134 -2.19 36.09 18.74
C TYR B 134 -0.73 36.23 18.24
N ILE B 135 0.24 35.61 18.96
CA ILE B 135 1.67 35.60 18.64
C ILE B 135 1.88 35.13 17.20
N HIS B 136 1.27 33.99 16.83
CA HIS B 136 1.38 33.34 15.50
C HIS B 136 0.77 34.18 14.40
N SER B 137 -0.33 34.88 14.70
CA SER B 137 -0.98 35.78 13.75
C SER B 137 -0.08 36.99 13.40
N ALA B 138 0.88 37.32 14.31
CA ALA B 138 1.87 38.40 14.17
C ALA B 138 3.20 37.86 13.58
N ASN B 139 3.20 36.58 13.13
CA ASN B 139 4.33 35.84 12.55
C ASN B 139 5.51 35.74 13.50
N VAL B 140 5.20 35.59 14.79
CA VAL B 140 6.18 35.48 15.87
C VAL B 140 6.12 34.07 16.40
N LEU B 141 7.30 33.50 16.70
CA LEU B 141 7.40 32.17 17.29
C LEU B 141 8.01 32.37 18.66
N HIS B 142 7.38 31.88 19.73
CA HIS B 142 7.94 32.02 21.09
C HIS B 142 9.29 31.26 21.20
N ARG B 143 9.29 29.96 20.79
CA ARG B 143 10.42 29.03 20.71
C ARG B 143 10.94 28.55 22.06
N ASP B 144 10.28 28.94 23.16
CA ASP B 144 10.66 28.56 24.53
C ASP B 144 9.44 28.38 25.41
N LEU B 145 8.37 27.80 24.89
CA LEU B 145 7.19 27.55 25.70
C LEU B 145 7.47 26.42 26.69
N LYS B 146 7.23 26.75 27.95
CA LYS B 146 7.44 25.87 29.08
C LYS B 146 6.72 26.53 30.27
N PRO B 147 6.35 25.74 31.32
CA PRO B 147 5.61 26.32 32.48
C PRO B 147 6.24 27.52 33.18
N ALA B 148 7.59 27.62 33.21
CA ALA B 148 8.31 28.73 33.85
C ALA B 148 8.07 30.06 33.12
N ASN B 149 7.67 30.03 31.84
CA ASN B 149 7.41 31.22 31.05
C ASN B 149 5.94 31.51 30.89
N LEU B 150 5.09 30.84 31.67
CA LEU B 150 3.65 31.08 31.71
C LEU B 150 3.39 31.61 33.08
N PHE B 151 2.93 32.87 33.15
CA PHE B 151 2.70 33.58 34.40
C PHE B 151 1.25 33.60 34.80
N ILE B 152 1.00 33.38 36.11
CA ILE B 152 -0.33 33.27 36.74
C ILE B 152 -0.60 34.35 37.81
N ASN B 153 -1.85 34.80 37.85
CA ASN B 153 -2.46 35.59 38.90
C ASN B 153 -3.54 34.63 39.40
N THR B 154 -3.23 33.95 40.50
CA THR B 154 -4.04 32.87 41.08
C THR B 154 -5.45 33.30 41.52
N GLU B 155 -5.64 34.56 41.96
CA GLU B 155 -6.97 35.04 42.39
C GLU B 155 -7.94 35.19 41.21
N ASP B 156 -7.43 35.76 40.12
CA ASP B 156 -8.17 36.04 38.88
C ASP B 156 -8.22 34.82 37.96
N LEU B 157 -7.29 33.87 38.15
CA LEU B 157 -7.08 32.66 37.33
C LEU B 157 -6.71 33.02 35.91
N VAL B 158 -5.78 33.97 35.80
CA VAL B 158 -5.28 34.53 34.57
C VAL B 158 -3.91 33.97 34.28
N LEU B 159 -3.73 33.49 33.06
CA LEU B 159 -2.48 32.99 32.55
C LEU B 159 -2.08 33.98 31.46
N LYS B 160 -0.81 34.38 31.49
CA LYS B 160 -0.19 35.25 30.51
C LYS B 160 1.14 34.64 30.05
N ILE B 161 1.45 34.71 28.74
CA ILE B 161 2.72 34.24 28.20
C ILE B 161 3.75 35.33 28.38
N GLY B 162 4.89 34.97 28.92
CA GLY B 162 6.03 35.87 29.13
C GLY B 162 7.30 35.36 28.50
N ASP B 163 8.43 36.00 28.83
CA ASP B 163 9.79 35.73 28.32
C ASP B 163 9.85 35.48 26.81
N PHE B 164 9.89 36.58 26.05
CA PHE B 164 10.05 36.58 24.60
C PHE B 164 11.53 36.74 24.29
N GLY B 165 12.38 36.36 25.26
CA GLY B 165 13.83 36.37 25.16
C GLY B 165 14.32 35.61 23.94
N LEU B 166 13.83 34.35 23.75
CA LEU B 166 14.21 33.52 22.59
C LEU B 166 13.24 33.64 21.42
N ALA B 167 12.22 34.54 21.49
CA ALA B 167 11.26 34.73 20.40
C ALA B 167 11.91 35.26 19.12
N ARG B 168 11.26 35.02 17.97
CA ARG B 168 11.75 35.46 16.68
C ARG B 168 10.58 35.55 15.72
N ILE B 169 10.72 36.36 14.67
CA ILE B 169 9.73 36.51 13.59
C ILE B 169 9.79 35.26 12.65
N MET B 170 9.30 35.37 11.40
CA MET B 170 9.29 34.27 10.44
C MET B 170 9.67 34.80 9.07
N ASP B 171 10.67 34.15 8.40
CA ASP B 171 11.17 34.54 7.07
C ASP B 171 11.56 33.31 6.24
N GLY B 178 23.03 27.87 14.56
CA GLY B 178 22.17 27.72 15.73
C GLY B 178 22.37 28.77 16.80
N HIS B 179 22.39 28.36 18.10
CA HIS B 179 22.56 29.28 19.24
C HIS B 179 23.59 28.81 20.30
N LEU B 180 23.83 29.66 21.34
CA LEU B 180 24.75 29.42 22.47
C LEU B 180 23.88 29.08 23.70
N SER B 181 24.45 28.44 24.76
CA SER B 181 23.75 27.98 26.00
C SER B 181 22.71 26.88 25.75
N GLU B 182 22.97 26.02 24.76
CA GLU B 182 22.12 24.89 24.39
C GLU B 182 21.85 23.96 25.57
N GLY B 183 22.87 23.71 26.38
CA GLY B 183 22.79 22.84 27.54
C GLY B 183 21.86 23.31 28.64
N LEU B 184 21.53 24.63 28.65
CA LEU B 184 20.63 25.23 29.65
C LEU B 184 19.18 25.35 29.21
N VAL B 185 18.92 25.14 27.93
CA VAL B 185 17.59 25.17 27.32
C VAL B 185 16.91 23.88 27.71
N THR B 186 15.63 23.95 28.16
CA THR B 186 14.77 22.82 28.52
C THR B 186 14.37 22.04 27.25
N LYS B 187 14.61 20.70 27.23
CA LYS B 187 14.38 19.83 26.05
C LYS B 187 13.04 19.09 25.99
N TRP B 188 12.36 19.04 27.11
CA TRP B 188 11.15 18.30 27.37
C TRP B 188 9.90 18.68 26.61
N TYR B 189 9.85 19.87 26.03
CA TYR B 189 8.69 20.40 25.29
C TYR B 189 8.97 20.45 23.80
N ARG B 190 10.10 19.86 23.37
CA ARG B 190 10.50 19.80 21.95
C ARG B 190 9.79 18.68 21.25
N SER B 191 9.27 19.00 20.04
CA SER B 191 8.54 18.05 19.20
C SER B 191 9.47 17.05 18.54
N PRO B 192 8.96 15.84 18.14
CA PRO B 192 9.83 14.89 17.40
C PRO B 192 10.55 15.51 16.18
N ARG B 193 9.88 16.41 15.40
CA ARG B 193 10.45 17.14 14.27
C ARG B 193 11.65 17.93 14.73
N LEU B 194 11.50 18.74 15.82
CA LEU B 194 12.58 19.56 16.40
C LEU B 194 13.74 18.72 16.86
N LEU B 195 13.48 17.52 17.41
CA LEU B 195 14.53 16.57 17.79
C LEU B 195 15.30 16.10 16.56
N LEU B 196 14.60 15.88 15.44
CA LEU B 196 15.19 15.43 14.15
C LEU B 196 15.82 16.53 13.32
N SER B 197 15.29 17.76 13.37
CA SER B 197 15.79 18.93 12.65
C SER B 197 15.95 20.06 13.68
N PRO B 198 17.08 20.04 14.45
CA PRO B 198 17.26 21.02 15.55
C PRO B 198 17.30 22.51 15.21
N ASN B 199 17.73 22.80 14.00
CA ASN B 199 17.91 24.18 13.56
C ASN B 199 16.58 24.95 13.51
N ASN B 200 15.63 24.45 12.71
CA ASN B 200 14.34 25.02 12.31
C ASN B 200 13.24 25.02 13.37
N TYR B 201 12.53 26.17 13.44
CA TYR B 201 11.38 26.45 14.30
C TYR B 201 10.16 26.86 13.45
N THR B 202 8.96 26.41 13.85
CA THR B 202 7.67 26.63 13.17
C THR B 202 6.58 26.91 14.21
N LYS B 203 5.37 27.28 13.78
CA LYS B 203 4.21 27.51 14.65
C LYS B 203 3.80 26.19 15.28
N ALA B 204 3.91 25.08 14.50
CA ALA B 204 3.61 23.70 14.92
C ALA B 204 4.44 23.23 16.11
N ILE B 205 5.74 23.63 16.19
CA ILE B 205 6.64 23.27 17.32
C ILE B 205 6.09 23.86 18.64
N ASP B 206 5.51 25.09 18.60
CA ASP B 206 4.90 25.73 19.78
C ASP B 206 3.68 24.97 20.21
N MET B 207 2.91 24.44 19.25
CA MET B 207 1.71 23.67 19.53
C MET B 207 2.02 22.36 20.24
N TRP B 208 3.15 21.70 19.88
CA TRP B 208 3.59 20.49 20.55
C TRP B 208 3.83 20.86 21.99
N ALA B 209 4.62 21.95 22.23
CA ALA B 209 4.94 22.48 23.56
C ALA B 209 3.72 22.79 24.41
N ALA B 210 2.66 23.34 23.82
CA ALA B 210 1.37 23.64 24.48
C ALA B 210 0.64 22.34 24.94
N GLY B 211 0.70 21.29 24.12
CA GLY B 211 0.13 19.99 24.45
C GLY B 211 0.83 19.34 25.63
N CYS B 212 2.16 19.47 25.69
CA CYS B 212 2.99 18.93 26.78
C CYS B 212 2.71 19.66 28.07
N ILE B 213 2.48 20.99 28.01
CA ILE B 213 2.14 21.82 29.18
C ILE B 213 0.73 21.45 29.70
N PHE B 214 -0.26 21.28 28.77
CA PHE B 214 -1.58 20.85 29.17
C PHE B 214 -1.54 19.52 29.94
N ALA B 215 -0.84 18.52 29.39
CA ALA B 215 -0.67 17.20 30.02
C ALA B 215 -0.05 17.35 31.41
N GLU B 216 1.00 18.16 31.53
CA GLU B 216 1.66 18.48 32.79
C GLU B 216 0.71 19.19 33.79
N MET B 217 -0.21 20.06 33.31
CA MET B 217 -1.15 20.74 34.21
C MET B 217 -2.11 19.74 34.85
N LEU B 218 -2.48 18.70 34.08
CA LEU B 218 -3.39 17.64 34.48
C LEU B 218 -2.76 16.60 35.40
N THR B 219 -1.47 16.32 35.25
CA THR B 219 -0.78 15.29 36.05
C THR B 219 0.16 15.82 37.10
N GLY B 220 0.66 17.03 36.88
CA GLY B 220 1.65 17.66 37.74
C GLY B 220 3.06 17.20 37.39
N LYS B 221 3.19 16.12 36.57
CA LYS B 221 4.46 15.52 36.11
C LYS B 221 4.75 15.90 34.65
N THR B 222 6.05 15.95 34.28
CA THR B 222 6.52 16.21 32.92
C THR B 222 6.06 15.03 32.08
N LEU B 223 5.44 15.29 30.92
CA LEU B 223 4.94 14.20 30.08
C LEU B 223 6.05 13.31 29.55
N PHE B 224 7.07 13.91 28.90
CA PHE B 224 8.22 13.20 28.36
C PHE B 224 9.49 13.85 28.94
N ALA B 225 10.09 13.20 29.95
CA ALA B 225 11.27 13.74 30.64
C ALA B 225 12.57 13.01 30.31
N GLY B 226 13.01 13.14 29.07
CA GLY B 226 14.24 12.52 28.59
C GLY B 226 15.46 13.37 28.86
N ALA B 227 16.54 12.72 29.34
CA ALA B 227 17.83 13.33 29.67
C ALA B 227 18.53 13.93 28.45
N HIS B 228 18.45 13.25 27.29
CA HIS B 228 19.03 13.71 26.01
C HIS B 228 18.02 13.47 24.88
N GLU B 229 18.31 14.01 23.67
CA GLU B 229 17.47 13.89 22.48
C GLU B 229 17.06 12.44 22.15
N LEU B 230 17.99 11.47 22.32
CA LEU B 230 17.70 10.04 22.08
C LEU B 230 16.63 9.48 23.02
N GLU B 231 16.78 9.69 24.34
CA GLU B 231 15.84 9.23 25.38
C GLU B 231 14.48 9.90 25.18
N GLN B 232 14.49 11.19 24.78
CA GLN B 232 13.33 12.00 24.50
C GLN B 232 12.48 11.38 23.38
N MET B 233 13.09 11.05 22.24
CA MET B 233 12.42 10.42 21.10
C MET B 233 11.86 9.03 21.46
N GLN B 234 12.63 8.22 22.19
CA GLN B 234 12.22 6.90 22.65
C GLN B 234 10.97 6.95 23.52
N LEU B 235 10.89 7.97 24.42
CA LEU B 235 9.76 8.19 25.30
C LEU B 235 8.51 8.57 24.51
N ILE B 236 8.67 9.43 23.49
CA ILE B 236 7.60 9.89 22.61
C ILE B 236 7.06 8.71 21.82
N LEU B 237 7.95 7.94 21.17
CA LEU B 237 7.60 6.78 20.35
C LEU B 237 6.89 5.68 21.11
N GLU B 238 7.08 5.61 22.44
CA GLU B 238 6.39 4.66 23.33
C GLU B 238 4.91 5.07 23.55
N SER B 239 4.54 6.33 23.22
CA SER B 239 3.18 6.83 23.47
C SER B 239 2.44 7.43 22.27
N ILE B 240 3.20 7.95 21.27
CA ILE B 240 2.63 8.65 20.12
C ILE B 240 2.69 7.80 18.88
N PRO B 241 1.54 7.53 18.21
CA PRO B 241 1.59 6.72 16.97
C PRO B 241 2.28 7.46 15.83
N VAL B 242 2.91 6.70 14.95
CA VAL B 242 3.58 7.20 13.73
C VAL B 242 2.67 6.65 12.63
N VAL B 243 1.84 7.52 12.04
CA VAL B 243 0.81 7.12 11.07
C VAL B 243 1.22 7.34 9.61
N HIS B 244 2.34 8.03 9.37
CA HIS B 244 2.81 8.31 8.01
C HIS B 244 4.06 7.53 7.72
N GLU B 245 4.13 6.91 6.52
CA GLU B 245 5.27 6.11 6.10
C GLU B 245 6.53 6.97 5.92
N GLU B 246 6.37 8.26 5.52
CA GLU B 246 7.43 9.26 5.39
C GLU B 246 8.16 9.40 6.74
N ASP B 247 7.40 9.56 7.85
CA ASP B 247 7.90 9.65 9.23
C ASP B 247 8.55 8.34 9.68
N ARG B 248 7.96 7.19 9.32
CA ARG B 248 8.49 5.86 9.66
C ARG B 248 9.82 5.57 8.95
N GLN B 249 9.94 6.02 7.68
CA GLN B 249 11.14 5.87 6.85
C GLN B 249 12.26 6.75 7.39
N GLU B 250 11.92 7.96 7.86
CA GLU B 250 12.85 8.92 8.44
C GLU B 250 13.43 8.38 9.76
N LEU B 251 12.56 7.76 10.60
CA LEU B 251 12.95 7.20 11.89
C LEU B 251 13.79 5.96 11.73
N LEU B 252 13.58 5.17 10.65
CA LEU B 252 14.32 3.94 10.38
C LEU B 252 15.80 4.21 10.08
N SER B 253 16.12 5.41 9.55
CA SER B 253 17.47 5.81 9.20
C SER B 253 18.22 6.34 10.41
N VAL B 254 17.51 7.03 11.33
CA VAL B 254 18.02 7.64 12.54
C VAL B 254 18.17 6.65 13.70
N ILE B 255 17.11 5.87 13.99
CA ILE B 255 17.12 4.89 15.09
C ILE B 255 16.44 3.56 14.66
N PRO B 256 17.13 2.67 13.93
CA PRO B 256 16.47 1.42 13.50
C PRO B 256 15.95 0.48 14.60
N VAL B 257 16.67 0.41 15.77
CA VAL B 257 16.35 -0.44 16.92
C VAL B 257 14.95 -0.12 17.51
N TYR B 258 14.65 1.17 17.77
CA TYR B 258 13.38 1.63 18.34
C TYR B 258 12.21 1.74 17.31
N ILE B 259 12.35 1.10 16.11
CA ILE B 259 11.32 1.15 15.05
C ILE B 259 10.80 -0.26 14.70
N ARG B 260 9.49 -0.46 14.96
CA ARG B 260 8.71 -1.67 14.69
C ARG B 260 8.00 -1.50 13.34
N ASN B 261 7.47 -2.61 12.79
CA ASN B 261 6.76 -2.63 11.51
C ASN B 261 5.41 -1.87 11.59
N ASP B 262 4.73 -1.96 12.76
CA ASP B 262 3.47 -1.27 13.04
C ASP B 262 3.68 -0.26 14.17
N MET B 263 3.84 1.02 13.78
CA MET B 263 4.05 2.11 14.73
C MET B 263 2.74 2.86 15.03
N THR B 264 1.61 2.36 14.45
CA THR B 264 0.24 2.87 14.59
C THR B 264 -0.29 2.62 16.01
N GLU B 265 0.27 1.59 16.70
CA GLU B 265 -0.08 1.27 18.08
C GLU B 265 1.13 1.38 19.05
N PRO B 266 1.12 2.41 19.94
CA PRO B 266 2.21 2.56 20.91
C PRO B 266 1.99 1.67 22.13
N HIS B 267 3.07 1.39 22.87
CA HIS B 267 3.02 0.53 24.07
C HIS B 267 2.32 1.18 25.28
N LYS B 268 2.67 2.43 25.60
CA LYS B 268 2.11 3.19 26.72
C LYS B 268 1.29 4.43 26.19
N PRO B 269 0.06 4.22 25.64
CA PRO B 269 -0.71 5.35 25.08
C PRO B 269 -1.01 6.52 26.01
N LEU B 270 -1.33 7.69 25.44
CA LEU B 270 -1.62 8.89 26.21
C LEU B 270 -2.62 8.64 27.34
N THR B 271 -3.63 7.78 27.11
CA THR B 271 -4.63 7.43 28.13
C THR B 271 -3.97 6.80 29.37
N GLN B 272 -2.93 5.95 29.17
CA GLN B 272 -2.17 5.31 30.25
C GLN B 272 -1.26 6.31 31.00
N LEU B 273 -0.79 7.35 30.31
CA LEU B 273 0.08 8.37 30.90
C LEU B 273 -0.71 9.40 31.70
N LEU B 274 -2.03 9.50 31.45
CA LEU B 274 -2.92 10.45 32.13
C LEU B 274 -4.04 9.66 32.81
N PRO B 275 -3.72 8.97 33.93
CA PRO B 275 -4.75 8.17 34.62
C PRO B 275 -5.71 9.03 35.41
N GLY B 276 -6.99 8.70 35.31
CA GLY B 276 -8.07 9.43 35.97
C GLY B 276 -8.47 10.73 35.31
N ILE B 277 -7.88 11.04 34.12
CA ILE B 277 -8.20 12.23 33.33
C ILE B 277 -9.34 11.87 32.35
N SER B 278 -10.31 12.79 32.19
CA SER B 278 -11.47 12.60 31.30
C SER B 278 -11.10 12.30 29.86
N ARG B 279 -11.95 11.50 29.19
CA ARG B 279 -11.81 11.11 27.79
C ARG B 279 -11.74 12.33 26.89
N GLU B 280 -12.57 13.36 27.20
CA GLU B 280 -12.68 14.64 26.48
C GLU B 280 -11.34 15.35 26.38
N ALA B 281 -10.64 15.42 27.52
CA ALA B 281 -9.35 16.06 27.65
C ALA B 281 -8.25 15.27 26.92
N VAL B 282 -8.26 13.93 27.06
CA VAL B 282 -7.26 13.08 26.43
C VAL B 282 -7.46 13.08 24.90
N ASP B 283 -8.72 13.08 24.44
CA ASP B 283 -9.06 13.13 23.02
C ASP B 283 -8.60 14.43 22.38
N PHE B 284 -8.76 15.54 23.08
CA PHE B 284 -8.31 16.87 22.63
C PHE B 284 -6.76 16.88 22.51
N LEU B 285 -6.07 16.37 23.54
CA LEU B 285 -4.61 16.24 23.59
C LEU B 285 -4.05 15.33 22.49
N GLU B 286 -4.76 14.24 22.16
CA GLU B 286 -4.37 13.32 21.09
C GLU B 286 -4.29 14.06 19.73
N GLN B 287 -5.09 15.14 19.57
CA GLN B 287 -5.16 15.97 18.37
C GLN B 287 -4.05 17.04 18.29
N ILE B 288 -3.32 17.24 19.40
CA ILE B 288 -2.20 18.18 19.50
C ILE B 288 -0.87 17.39 19.53
N LEU B 289 -0.83 16.32 20.33
CA LEU B 289 0.36 15.50 20.40
C LEU B 289 0.40 14.45 19.33
N THR B 290 0.45 14.92 18.06
CA THR B 290 0.56 14.09 16.86
C THR B 290 2.00 14.14 16.48
N PHE B 291 2.55 13.03 16.00
CA PHE B 291 3.95 12.92 15.56
C PHE B 291 4.27 13.89 14.42
N SER B 292 3.35 14.00 13.44
CA SER B 292 3.50 14.86 12.28
C SER B 292 2.89 16.26 12.50
N PRO B 293 3.66 17.32 12.15
CA PRO B 293 3.12 18.69 12.30
C PRO B 293 1.91 18.98 11.39
N MET B 294 1.76 18.23 10.30
CA MET B 294 0.69 18.36 9.33
C MET B 294 -0.67 18.05 9.95
N ASP B 295 -0.75 16.95 10.74
CA ASP B 295 -1.98 16.46 11.40
C ASP B 295 -2.34 17.28 12.65
N ARG B 296 -1.37 18.00 13.20
CA ARG B 296 -1.56 18.78 14.39
C ARG B 296 -2.49 19.95 14.21
N LEU B 297 -3.27 20.21 15.24
CA LEU B 297 -4.12 21.38 15.31
C LEU B 297 -3.25 22.60 15.43
N THR B 298 -3.64 23.68 14.74
CA THR B 298 -2.99 24.99 14.87
C THR B 298 -3.63 25.60 16.13
N ALA B 299 -3.06 26.66 16.71
CA ALA B 299 -3.65 27.34 17.89
C ALA B 299 -5.09 27.76 17.59
N GLU B 300 -5.35 28.29 16.37
CA GLU B 300 -6.67 28.69 15.88
C GLU B 300 -7.64 27.50 15.81
N GLU B 301 -7.18 26.33 15.27
CA GLU B 301 -8.01 25.12 15.18
C GLU B 301 -8.31 24.54 16.56
N ALA B 302 -7.31 24.51 17.45
CA ALA B 302 -7.48 24.04 18.83
C ALA B 302 -8.53 24.90 19.60
N LEU B 303 -8.61 26.22 19.31
CA LEU B 303 -9.57 27.12 19.94
C LEU B 303 -10.96 26.93 19.41
N SER B 304 -11.07 26.45 18.16
CA SER B 304 -12.34 26.19 17.52
C SER B 304 -12.86 24.83 17.91
N HIS B 305 -12.00 23.93 18.46
CA HIS B 305 -12.36 22.56 18.91
C HIS B 305 -13.45 22.70 19.99
N PRO B 306 -14.53 21.88 19.97
CA PRO B 306 -15.60 22.07 20.98
C PRO B 306 -15.14 22.06 22.45
N TYR B 307 -14.01 21.40 22.74
CA TYR B 307 -13.42 21.34 24.09
C TYR B 307 -12.92 22.73 24.59
N MET B 308 -12.55 23.63 23.65
CA MET B 308 -12.06 24.98 23.94
C MET B 308 -13.08 26.09 23.58
N SER B 309 -13.91 25.85 22.57
CA SER B 309 -14.89 26.81 22.02
C SER B 309 -15.91 27.29 23.03
N ILE B 310 -16.12 26.46 24.06
CA ILE B 310 -17.08 26.68 25.12
C ILE B 310 -16.74 27.94 25.96
N TYR B 311 -15.44 28.35 26.00
CA TYR B 311 -14.97 29.52 26.74
C TYR B 311 -15.17 30.83 25.99
N SER B 312 -15.57 30.78 24.73
CA SER B 312 -15.74 31.99 23.92
C SER B 312 -17.13 32.58 23.96
N PHE B 313 -17.23 33.91 23.78
CA PHE B 313 -18.51 34.62 23.75
C PHE B 313 -18.54 35.78 22.74
N PHE C 6 9.62 -12.30 9.88
CA PHE C 6 8.88 -13.38 10.53
C PHE C 6 9.32 -14.75 10.00
N ASP C 7 9.55 -15.71 10.91
CA ASP C 7 9.97 -17.08 10.57
C ASP C 7 8.94 -18.09 11.04
N LEU C 8 8.50 -18.96 10.14
CA LEU C 8 7.55 -20.02 10.47
C LEU C 8 8.35 -21.27 10.80
N GLY C 9 8.10 -21.81 11.99
CA GLY C 9 8.79 -22.96 12.53
C GLY C 9 10.27 -22.68 12.69
N SER C 10 11.10 -23.56 12.12
CA SER C 10 12.55 -23.44 12.12
C SER C 10 13.09 -23.55 10.69
N ARG C 11 12.28 -24.09 9.78
CA ARG C 11 12.65 -24.33 8.39
C ARG C 11 12.42 -23.14 7.47
N TYR C 12 11.30 -22.42 7.66
CA TYR C 12 10.92 -21.33 6.76
C TYR C 12 11.17 -19.95 7.35
N MET C 13 12.08 -19.21 6.68
CA MET C 13 12.59 -17.89 7.04
C MET C 13 12.10 -16.77 6.10
N ASP C 14 12.05 -15.52 6.64
CA ASP C 14 11.71 -14.26 5.96
C ASP C 14 10.34 -14.29 5.26
N LEU C 15 9.26 -14.47 6.03
CA LEU C 15 7.90 -14.50 5.49
C LEU C 15 7.38 -13.12 5.09
N LYS C 16 7.15 -12.90 3.78
CA LYS C 16 6.63 -11.65 3.20
C LYS C 16 5.34 -11.92 2.39
N PRO C 17 4.17 -11.34 2.76
CA PRO C 17 2.94 -11.63 2.00
C PRO C 17 2.98 -11.18 0.56
N LEU C 18 2.29 -11.93 -0.34
CA LEU C 18 2.20 -11.70 -1.80
C LEU C 18 1.04 -10.76 -2.12
N GLY C 19 1.06 -9.59 -1.48
CA GLY C 19 0.03 -8.56 -1.60
C GLY C 19 -0.79 -8.47 -0.32
N CYS C 20 -2.00 -7.90 -0.42
CA CYS C 20 -2.89 -7.77 0.73
C CYS C 20 -4.27 -8.45 0.51
N GLY C 21 -5.12 -8.40 1.53
CA GLY C 21 -6.44 -9.00 1.53
C GLY C 21 -6.34 -10.49 1.69
N GLY C 22 -6.92 -11.22 0.76
CA GLY C 22 -6.85 -12.67 0.72
C GLY C 22 -5.52 -13.18 0.23
N ASN C 23 -4.65 -12.25 -0.24
CA ASN C 23 -3.29 -12.50 -0.71
C ASN C 23 -2.26 -12.19 0.38
N GLY C 24 -2.76 -11.79 1.55
CA GLY C 24 -1.99 -11.54 2.76
C GLY C 24 -1.95 -12.82 3.56
N LEU C 25 -2.66 -13.85 3.06
CA LEU C 25 -2.75 -15.23 3.56
C LEU C 25 -1.85 -16.13 2.68
N VAL C 26 -1.14 -15.52 1.71
CA VAL C 26 -0.17 -16.20 0.87
C VAL C 26 1.17 -15.42 1.02
N PHE C 27 2.21 -16.10 1.51
CA PHE C 27 3.52 -15.54 1.82
C PHE C 27 4.60 -16.11 0.93
N SER C 28 5.72 -15.41 0.84
CA SER C 28 6.89 -15.90 0.14
C SER C 28 7.97 -16.01 1.21
N ALA C 29 8.60 -17.18 1.31
CA ALA C 29 9.63 -17.46 2.31
C ALA C 29 10.77 -18.25 1.67
N VAL C 30 11.85 -18.45 2.44
CA VAL C 30 13.04 -19.21 2.03
C VAL C 30 13.09 -20.52 2.85
N ASP C 31 13.38 -21.68 2.21
CA ASP C 31 13.53 -22.98 2.88
C ASP C 31 14.96 -23.10 3.39
N ASN C 32 15.17 -23.81 4.53
CA ASN C 32 16.51 -23.99 5.11
C ASN C 32 17.13 -25.37 4.87
N ASP C 33 16.30 -26.38 4.57
CA ASP C 33 16.75 -27.74 4.26
C ASP C 33 17.16 -27.87 2.78
N CYS C 34 16.92 -26.80 1.98
CA CYS C 34 17.17 -26.72 0.54
C CYS C 34 17.80 -25.38 0.08
N ASP C 35 17.45 -24.25 0.74
CA ASP C 35 17.82 -22.86 0.39
C ASP C 35 17.08 -22.50 -0.91
N LYS C 36 15.74 -22.54 -0.83
CA LYS C 36 14.83 -22.37 -1.95
C LYS C 36 13.65 -21.42 -1.63
N ARG C 37 13.26 -20.55 -2.60
CA ARG C 37 12.10 -19.66 -2.46
C ARG C 37 10.82 -20.51 -2.56
N VAL C 38 9.88 -20.29 -1.63
CA VAL C 38 8.63 -21.05 -1.57
C VAL C 38 7.47 -20.11 -1.35
N ALA C 39 6.24 -20.59 -1.64
CA ALA C 39 4.99 -19.88 -1.41
C ALA C 39 4.28 -20.64 -0.31
N ILE C 40 3.93 -19.93 0.78
CA ILE C 40 3.24 -20.52 1.92
C ILE C 40 1.83 -19.95 2.02
N LYS C 41 0.82 -20.82 1.96
CA LYS C 41 -0.58 -20.41 2.03
C LYS C 41 -1.14 -20.77 3.40
N LYS C 42 -1.65 -19.79 4.13
CA LYS C 42 -2.28 -20.01 5.42
C LYS C 42 -3.78 -20.24 5.22
N ILE C 43 -4.27 -21.32 5.79
CA ILE C 43 -5.67 -21.69 5.75
C ILE C 43 -6.24 -21.44 7.15
N VAL C 44 -7.14 -20.48 7.25
CA VAL C 44 -7.83 -20.16 8.49
C VAL C 44 -9.04 -21.10 8.52
N LEU C 45 -9.12 -21.93 9.57
CA LEU C 45 -10.20 -22.91 9.70
C LEU C 45 -11.36 -22.32 10.48
N THR C 46 -12.57 -22.44 9.92
CA THR C 46 -13.82 -21.96 10.53
C THR C 46 -14.19 -22.86 11.74
N ASP C 47 -14.50 -24.17 11.51
CA ASP C 47 -14.87 -25.16 12.53
C ASP C 47 -14.49 -26.62 12.10
N PRO C 48 -14.83 -27.76 12.80
CA PRO C 48 -14.39 -29.09 12.31
C PRO C 48 -14.91 -29.48 10.91
N GLN C 49 -15.76 -28.63 10.30
CA GLN C 49 -16.26 -28.78 8.93
C GLN C 49 -15.12 -28.36 7.99
N SER C 50 -14.31 -27.36 8.42
CA SER C 50 -13.13 -26.85 7.72
C SER C 50 -11.89 -27.73 7.93
N VAL C 51 -11.85 -28.56 9.01
CA VAL C 51 -10.78 -29.53 9.30
C VAL C 51 -10.91 -30.69 8.27
N LYS C 52 -12.16 -31.06 7.91
CA LYS C 52 -12.44 -32.08 6.90
C LYS C 52 -12.19 -31.51 5.50
N HIS C 53 -12.37 -30.18 5.34
CA HIS C 53 -12.14 -29.43 4.09
C HIS C 53 -10.65 -29.36 3.77
N ALA C 54 -9.81 -29.05 4.78
CA ALA C 54 -8.35 -28.95 4.66
C ALA C 54 -7.76 -30.33 4.38
N LEU C 55 -8.23 -31.36 5.12
CA LEU C 55 -7.85 -32.78 4.97
C LEU C 55 -8.14 -33.29 3.56
N ARG C 56 -9.15 -32.67 2.88
CA ARG C 56 -9.54 -32.99 1.52
C ARG C 56 -8.47 -32.48 0.54
N GLU C 57 -8.13 -31.18 0.60
CA GLU C 57 -7.11 -30.54 -0.26
C GLU C 57 -5.74 -31.17 -0.06
N ILE C 58 -5.29 -31.33 1.20
CA ILE C 58 -3.99 -31.90 1.58
C ILE C 58 -3.75 -33.26 0.90
N LYS C 59 -4.70 -34.21 1.02
CA LYS C 59 -4.60 -35.54 0.43
C LYS C 59 -4.63 -35.47 -1.11
N ILE C 60 -5.28 -34.44 -1.66
CA ILE C 60 -5.38 -34.20 -3.10
C ILE C 60 -4.01 -33.73 -3.67
N ILE C 61 -3.58 -32.52 -3.34
CA ILE C 61 -2.39 -31.83 -3.85
C ILE C 61 -1.05 -32.61 -3.67
N ARG C 62 -0.74 -33.08 -2.44
CA ARG C 62 0.48 -33.81 -2.10
C ARG C 62 0.71 -35.02 -3.03
N ARG C 63 -0.33 -35.88 -3.18
CA ARG C 63 -0.35 -37.09 -4.00
C ARG C 63 -0.14 -36.81 -5.50
N LEU C 64 -0.38 -35.57 -5.92
CA LEU C 64 -0.27 -35.22 -7.32
C LEU C 64 1.11 -34.69 -7.71
N ASP C 65 1.76 -35.42 -8.64
CA ASP C 65 3.10 -35.15 -9.17
C ASP C 65 3.10 -34.93 -10.69
N HIS C 66 3.25 -33.66 -11.12
CA HIS C 66 3.26 -33.28 -12.53
C HIS C 66 3.98 -31.95 -12.79
N ASP C 67 4.52 -31.79 -14.02
CA ASP C 67 5.21 -30.60 -14.52
C ASP C 67 4.28 -29.40 -14.59
N ASN C 68 2.98 -29.64 -14.81
CA ASN C 68 1.98 -28.60 -15.03
C ASN C 68 0.95 -28.45 -13.88
N ILE C 69 1.35 -28.92 -12.68
CA ILE C 69 0.58 -28.81 -11.44
C ILE C 69 1.57 -28.23 -10.45
N VAL C 70 1.20 -27.12 -9.77
CA VAL C 70 2.07 -26.47 -8.77
C VAL C 70 2.42 -27.53 -7.72
N LYS C 71 3.71 -27.78 -7.49
CA LYS C 71 4.12 -28.80 -6.51
C LYS C 71 3.98 -28.33 -5.05
N VAL C 72 3.22 -29.09 -4.23
CA VAL C 72 3.00 -28.83 -2.80
C VAL C 72 4.10 -29.58 -2.05
N PHE C 73 4.97 -28.84 -1.35
CA PHE C 73 6.09 -29.40 -0.64
C PHE C 73 5.74 -29.96 0.73
N GLU C 74 5.19 -29.12 1.63
CA GLU C 74 4.86 -29.58 2.98
C GLU C 74 3.52 -29.01 3.47
N ILE C 75 2.98 -29.64 4.53
CA ILE C 75 1.76 -29.23 5.22
C ILE C 75 2.16 -29.04 6.67
N LEU C 76 1.93 -27.83 7.20
CA LEU C 76 2.29 -27.46 8.56
C LEU C 76 1.10 -27.00 9.40
N GLY C 77 1.24 -27.12 10.71
CA GLY C 77 0.24 -26.70 11.68
C GLY C 77 0.51 -25.28 12.18
N PRO C 78 -0.17 -24.82 13.26
CA PRO C 78 0.02 -23.43 13.74
C PRO C 78 1.45 -23.01 14.11
N SER C 79 2.27 -23.94 14.64
CA SER C 79 3.66 -23.66 15.01
C SER C 79 4.67 -24.35 14.08
N GLY C 80 4.59 -23.98 12.79
CA GLY C 80 5.43 -24.44 11.67
C GLY C 80 5.98 -25.85 11.73
N SER C 81 5.12 -26.83 12.06
CA SER C 81 5.50 -28.24 12.19
C SER C 81 4.72 -29.13 11.23
N GLN C 82 5.41 -30.15 10.67
CA GLN C 82 4.87 -31.12 9.70
C GLN C 82 3.68 -31.91 10.26
N LEU C 83 2.78 -32.38 9.37
CA LEU C 83 1.60 -33.18 9.71
C LEU C 83 1.47 -34.42 8.83
N GLU C 92 -7.74 -29.60 17.50
CA GLU C 92 -7.01 -28.68 18.39
C GLU C 92 -6.20 -27.63 17.60
N LEU C 93 -6.10 -27.83 16.28
CA LEU C 93 -5.38 -26.95 15.36
C LEU C 93 -6.34 -25.89 14.80
N ASN C 94 -6.02 -24.61 15.07
CA ASN C 94 -6.79 -23.43 14.67
C ASN C 94 -6.65 -23.05 13.18
N SER C 95 -5.41 -23.14 12.67
CA SER C 95 -5.06 -22.84 11.28
C SER C 95 -4.01 -23.86 10.77
N VAL C 96 -3.80 -23.92 9.43
CA VAL C 96 -2.83 -24.80 8.76
C VAL C 96 -2.07 -24.03 7.66
N TYR C 97 -0.77 -24.35 7.43
CA TYR C 97 0.05 -23.72 6.39
C TYR C 97 0.40 -24.72 5.28
N ILE C 98 0.33 -24.28 4.03
CA ILE C 98 0.63 -25.13 2.87
C ILE C 98 1.86 -24.57 2.18
N VAL C 99 2.94 -25.33 2.19
CA VAL C 99 4.19 -24.92 1.53
C VAL C 99 4.14 -25.51 0.11
N GLN C 100 4.39 -24.67 -0.89
CA GLN C 100 4.41 -25.10 -2.29
C GLN C 100 5.42 -24.26 -3.07
N GLU C 101 5.69 -24.64 -4.34
CA GLU C 101 6.68 -23.94 -5.16
C GLU C 101 6.28 -22.52 -5.49
N TYR C 102 7.26 -21.61 -5.47
CA TYR C 102 7.07 -20.22 -5.80
C TYR C 102 7.07 -20.06 -7.31
N MET C 103 5.97 -19.48 -7.82
CA MET C 103 5.76 -19.17 -9.23
C MET C 103 5.91 -17.69 -9.36
N GLU C 104 6.53 -17.26 -10.46
CA GLU C 104 6.82 -15.86 -10.75
C GLU C 104 5.55 -14.99 -10.73
N THR C 105 4.50 -15.42 -11.45
CA THR C 105 3.24 -14.68 -11.61
C THR C 105 2.05 -15.64 -11.81
N ASP C 106 0.92 -15.10 -12.31
CA ASP C 106 -0.28 -15.83 -12.70
C ASP C 106 -0.71 -15.36 -14.08
N LEU C 107 -1.57 -16.11 -14.74
CA LEU C 107 -2.04 -15.75 -16.08
C LEU C 107 -2.86 -14.45 -16.09
N ALA C 108 -3.63 -14.17 -15.01
CA ALA C 108 -4.42 -12.93 -14.91
C ALA C 108 -3.52 -11.69 -14.97
N ASN C 109 -2.38 -11.73 -14.26
CA ASN C 109 -1.41 -10.64 -14.26
C ASN C 109 -0.76 -10.46 -15.64
N VAL C 110 -0.41 -11.58 -16.30
CA VAL C 110 0.18 -11.62 -17.64
C VAL C 110 -0.79 -11.01 -18.67
N LEU C 111 -2.08 -11.45 -18.63
CA LEU C 111 -3.11 -11.02 -19.56
C LEU C 111 -3.59 -9.60 -19.37
N GLU C 112 -3.31 -8.98 -18.21
CA GLU C 112 -3.65 -7.58 -17.92
C GLU C 112 -2.85 -6.68 -18.86
N GLN C 113 -1.65 -7.14 -19.25
CA GLN C 113 -0.70 -6.44 -20.12
C GLN C 113 -0.96 -6.71 -21.64
N GLY C 114 -2.03 -7.43 -21.94
CA GLY C 114 -2.47 -7.69 -23.30
C GLY C 114 -2.58 -9.14 -23.74
N PRO C 115 -3.07 -9.37 -24.99
CA PRO C 115 -3.17 -10.75 -25.50
C PRO C 115 -1.78 -11.35 -25.76
N LEU C 116 -1.73 -12.67 -25.85
CA LEU C 116 -0.48 -13.37 -26.11
C LEU C 116 -0.36 -13.65 -27.60
N LEU C 117 0.89 -13.92 -28.04
CA LEU C 117 1.21 -14.36 -29.40
C LEU C 117 0.54 -15.73 -29.51
N GLU C 118 -0.02 -16.09 -30.71
CA GLU C 118 -0.70 -17.38 -30.89
C GLU C 118 0.20 -18.53 -30.42
N GLU C 119 1.52 -18.40 -30.64
CA GLU C 119 2.58 -19.35 -30.26
C GLU C 119 2.65 -19.58 -28.75
N HIS C 120 2.48 -18.51 -27.97
CA HIS C 120 2.48 -18.56 -26.51
C HIS C 120 1.17 -19.07 -25.96
N ALA C 121 0.05 -18.64 -26.56
CA ALA C 121 -1.28 -19.11 -26.19
C ALA C 121 -1.34 -20.62 -26.44
N ARG C 122 -0.82 -21.11 -27.59
CA ARG C 122 -0.80 -22.52 -27.97
C ARG C 122 0.08 -23.36 -27.05
N LEU C 123 1.22 -22.82 -26.59
CA LEU C 123 2.14 -23.48 -25.66
C LEU C 123 1.52 -23.59 -24.25
N PHE C 124 0.87 -22.51 -23.76
CA PHE C 124 0.21 -22.46 -22.46
C PHE C 124 -0.99 -23.36 -22.41
N MET C 125 -1.80 -23.40 -23.52
CA MET C 125 -2.97 -24.26 -23.67
C MET C 125 -2.55 -25.74 -23.65
N TYR C 126 -1.44 -26.07 -24.31
CA TYR C 126 -0.90 -27.44 -24.31
C TYR C 126 -0.57 -27.89 -22.88
N GLN C 127 0.08 -27.01 -22.09
CA GLN C 127 0.48 -27.26 -20.71
C GLN C 127 -0.72 -27.36 -19.79
N LEU C 128 -1.72 -26.51 -20.00
CA LEU C 128 -2.97 -26.54 -19.26
C LEU C 128 -3.65 -27.91 -19.50
N LEU C 129 -3.73 -28.35 -20.77
CA LEU C 129 -4.35 -29.62 -21.15
C LEU C 129 -3.60 -30.82 -20.63
N ARG C 130 -2.27 -30.75 -20.58
CA ARG C 130 -1.41 -31.81 -20.03
C ARG C 130 -1.66 -31.99 -18.53
N GLY C 131 -1.74 -30.88 -17.80
CA GLY C 131 -2.06 -30.90 -16.38
C GLY C 131 -3.47 -31.40 -16.11
N LEU C 132 -4.45 -31.04 -16.99
CA LEU C 132 -5.85 -31.49 -16.85
C LEU C 132 -5.99 -32.96 -17.13
N LYS C 133 -5.33 -33.45 -18.19
CA LYS C 133 -5.34 -34.86 -18.55
C LYS C 133 -4.85 -35.68 -17.35
N TYR C 134 -3.80 -35.20 -16.66
CA TYR C 134 -3.22 -35.84 -15.49
C TYR C 134 -4.19 -35.89 -14.31
N ILE C 135 -4.73 -34.74 -13.86
CA ILE C 135 -5.63 -34.73 -12.70
C ILE C 135 -6.92 -35.51 -12.98
N HIS C 136 -7.45 -35.43 -14.21
CA HIS C 136 -8.65 -36.18 -14.60
C HIS C 136 -8.40 -37.69 -14.58
N SER C 137 -7.19 -38.13 -14.95
CA SER C 137 -6.76 -39.52 -14.89
C SER C 137 -6.70 -40.03 -13.44
N ALA C 138 -6.52 -39.14 -12.48
CA ALA C 138 -6.47 -39.40 -11.03
C ALA C 138 -7.86 -39.20 -10.37
N ASN C 139 -8.90 -38.96 -11.19
CA ASN C 139 -10.30 -38.67 -10.81
C ASN C 139 -10.42 -37.44 -9.91
N VAL C 140 -9.54 -36.46 -10.14
CA VAL C 140 -9.48 -35.17 -9.47
C VAL C 140 -9.93 -34.14 -10.48
N LEU C 141 -10.69 -33.17 -9.97
CA LEU C 141 -11.20 -32.04 -10.73
C LEU C 141 -10.82 -30.78 -10.01
N HIS C 142 -10.34 -29.81 -10.77
CA HIS C 142 -10.09 -28.46 -10.28
C HIS C 142 -11.48 -27.86 -10.48
N ARG C 143 -12.09 -27.21 -9.50
CA ARG C 143 -13.45 -26.74 -9.82
C ARG C 143 -13.53 -25.23 -10.02
N ASP C 144 -12.37 -24.53 -9.91
CA ASP C 144 -12.24 -23.07 -10.02
C ASP C 144 -11.15 -22.70 -11.05
N LEU C 145 -11.20 -23.31 -12.22
CA LEU C 145 -10.25 -23.08 -13.29
C LEU C 145 -10.52 -21.71 -13.95
N LYS C 146 -9.53 -20.82 -13.85
CA LYS C 146 -9.56 -19.42 -14.31
C LYS C 146 -8.12 -18.88 -14.39
N PRO C 147 -7.84 -17.79 -15.15
CA PRO C 147 -6.44 -17.29 -15.25
C PRO C 147 -5.68 -17.02 -13.94
N ALA C 148 -6.38 -16.59 -12.88
CA ALA C 148 -5.77 -16.30 -11.59
C ALA C 148 -5.22 -17.56 -10.90
N ASN C 149 -5.73 -18.73 -11.29
CA ASN C 149 -5.37 -20.07 -10.78
C ASN C 149 -4.39 -20.84 -11.68
N LEU C 150 -3.78 -20.15 -12.66
CA LEU C 150 -2.81 -20.75 -13.54
C LEU C 150 -1.61 -19.86 -13.36
N PHE C 151 -0.52 -20.48 -12.91
CA PHE C 151 0.71 -19.80 -12.53
C PHE C 151 1.78 -19.92 -13.59
N ILE C 152 2.47 -18.81 -13.86
CA ILE C 152 3.48 -18.69 -14.91
C ILE C 152 4.86 -18.33 -14.38
N ASN C 153 5.89 -18.92 -14.99
CA ASN C 153 7.30 -18.61 -14.79
C ASN C 153 7.73 -18.11 -16.18
N THR C 154 7.98 -16.81 -16.31
CA THR C 154 8.29 -16.15 -17.59
C THR C 154 9.61 -16.58 -18.22
N GLU C 155 10.63 -16.95 -17.40
CA GLU C 155 11.92 -17.42 -17.93
C GLU C 155 11.82 -18.81 -18.59
N ASP C 156 11.03 -19.70 -17.97
CA ASP C 156 10.81 -21.07 -18.44
C ASP C 156 9.65 -21.16 -19.42
N LEU C 157 8.70 -20.21 -19.37
CA LEU C 157 7.43 -20.19 -20.11
C LEU C 157 6.59 -21.44 -19.76
N VAL C 158 6.59 -21.78 -18.48
CA VAL C 158 5.90 -22.94 -17.92
C VAL C 158 4.57 -22.48 -17.28
N LEU C 159 3.49 -23.19 -17.59
CA LEU C 159 2.17 -22.94 -17.01
C LEU C 159 1.90 -24.10 -16.08
N LYS C 160 1.57 -23.79 -14.82
CA LYS C 160 1.23 -24.78 -13.81
C LYS C 160 -0.14 -24.42 -13.19
N ILE C 161 -0.98 -25.43 -12.97
CA ILE C 161 -2.31 -25.29 -12.37
C ILE C 161 -2.10 -25.36 -10.87
N GLY C 162 -2.56 -24.36 -10.15
CA GLY C 162 -2.49 -24.34 -8.70
C GLY C 162 -3.83 -24.02 -8.10
N ASP C 163 -3.80 -23.62 -6.82
CA ASP C 163 -4.93 -23.18 -5.98
C ASP C 163 -6.17 -24.10 -6.09
N PHE C 164 -6.03 -25.33 -5.56
CA PHE C 164 -7.10 -26.30 -5.55
C PHE C 164 -8.17 -25.97 -4.47
N GLY C 165 -7.70 -25.50 -3.31
CA GLY C 165 -8.50 -25.12 -2.15
C GLY C 165 -9.50 -24.00 -2.36
N LEU C 180 -24.00 -18.62 -1.37
CA LEU C 180 -23.04 -17.97 -0.46
C LEU C 180 -21.83 -17.48 -1.25
N SER C 181 -21.49 -16.18 -1.09
CA SER C 181 -20.40 -15.46 -1.78
C SER C 181 -20.55 -15.39 -3.32
N GLU C 182 -21.81 -15.33 -3.83
CA GLU C 182 -22.02 -15.25 -5.29
C GLU C 182 -21.41 -13.97 -5.85
N GLY C 183 -21.59 -12.84 -5.13
CA GLY C 183 -21.05 -11.53 -5.49
C GLY C 183 -19.52 -11.46 -5.57
N LEU C 184 -18.83 -12.49 -5.05
CA LEU C 184 -17.37 -12.57 -5.01
C LEU C 184 -16.79 -13.58 -5.99
N VAL C 185 -17.63 -14.49 -6.51
CA VAL C 185 -17.16 -15.54 -7.42
C VAL C 185 -17.47 -15.20 -8.86
N THR C 186 -16.47 -15.35 -9.73
CA THR C 186 -16.57 -15.12 -11.17
C THR C 186 -17.41 -16.22 -11.84
N LYS C 187 -18.41 -15.81 -12.65
CA LYS C 187 -19.27 -16.76 -13.38
C LYS C 187 -18.72 -17.02 -14.79
N TRP C 188 -17.68 -16.26 -15.17
CA TRP C 188 -17.13 -16.16 -16.51
C TRP C 188 -16.62 -17.44 -17.16
N TYR C 189 -16.18 -18.44 -16.40
CA TYR C 189 -15.61 -19.69 -16.95
C TYR C 189 -16.51 -20.87 -16.71
N ARG C 190 -17.70 -20.59 -16.17
CA ARG C 190 -18.69 -21.61 -15.88
C ARG C 190 -19.43 -22.01 -17.17
N SER C 191 -19.51 -23.33 -17.40
CA SER C 191 -20.14 -23.90 -18.58
C SER C 191 -21.65 -23.70 -18.54
N PRO C 192 -22.38 -23.77 -19.70
CA PRO C 192 -23.85 -23.68 -19.65
C PRO C 192 -24.48 -24.61 -18.60
N ARG C 193 -23.97 -25.86 -18.54
CA ARG C 193 -24.35 -26.94 -17.65
C ARG C 193 -24.10 -26.57 -16.16
N LEU C 194 -22.99 -25.85 -15.87
CA LEU C 194 -22.68 -25.44 -14.51
C LEU C 194 -23.57 -24.27 -14.05
N LEU C 195 -24.11 -23.53 -15.00
CA LEU C 195 -25.04 -22.45 -14.71
C LEU C 195 -26.44 -23.04 -14.41
N LEU C 196 -26.78 -24.16 -15.09
CA LEU C 196 -28.06 -24.89 -14.91
C LEU C 196 -28.09 -25.81 -13.70
N SER C 197 -26.96 -26.47 -13.38
CA SER C 197 -26.82 -27.39 -12.24
C SER C 197 -25.60 -26.93 -11.44
N PRO C 198 -25.78 -25.90 -10.57
CA PRO C 198 -24.62 -25.30 -9.87
C PRO C 198 -23.77 -26.19 -8.95
N ASN C 199 -24.30 -27.34 -8.50
CA ASN C 199 -23.54 -28.18 -7.57
C ASN C 199 -22.93 -29.44 -8.21
N ASN C 200 -23.23 -29.73 -9.48
CA ASN C 200 -22.60 -30.89 -10.13
C ASN C 200 -21.37 -30.44 -10.92
N TYR C 201 -20.19 -30.99 -10.58
CA TYR C 201 -18.91 -30.73 -11.22
C TYR C 201 -18.37 -32.01 -11.88
N THR C 202 -18.04 -31.93 -13.18
CA THR C 202 -17.50 -33.01 -14.02
C THR C 202 -16.16 -32.59 -14.65
N LYS C 203 -15.49 -33.52 -15.35
CA LYS C 203 -14.26 -33.29 -16.10
C LYS C 203 -14.54 -32.27 -17.23
N ALA C 204 -15.71 -32.40 -17.87
CA ALA C 204 -16.18 -31.56 -18.95
C ALA C 204 -16.32 -30.08 -18.56
N ILE C 205 -16.71 -29.77 -17.28
CA ILE C 205 -16.83 -28.38 -16.79
C ILE C 205 -15.44 -27.68 -16.82
N ASP C 206 -14.35 -28.45 -16.53
CA ASP C 206 -12.97 -27.96 -16.58
C ASP C 206 -12.58 -27.68 -18.01
N MET C 207 -13.04 -28.54 -18.94
CA MET C 207 -12.80 -28.39 -20.36
C MET C 207 -13.42 -27.13 -20.92
N TRP C 208 -14.64 -26.76 -20.47
CA TRP C 208 -15.28 -25.50 -20.87
C TRP C 208 -14.38 -24.34 -20.40
N ALA C 209 -13.99 -24.33 -19.10
CA ALA C 209 -13.11 -23.31 -18.53
C ALA C 209 -11.80 -23.15 -19.31
N ALA C 210 -11.17 -24.27 -19.70
CA ALA C 210 -9.95 -24.31 -20.52
C ALA C 210 -10.13 -23.58 -21.89
N GLY C 211 -11.29 -23.78 -22.52
CA GLY C 211 -11.65 -23.16 -23.79
C GLY C 211 -11.80 -21.67 -23.65
N CYS C 212 -12.43 -21.23 -22.57
CA CYS C 212 -12.63 -19.80 -22.24
C CYS C 212 -11.32 -19.09 -21.97
N ILE C 213 -10.40 -19.76 -21.24
CA ILE C 213 -9.06 -19.27 -20.91
C ILE C 213 -8.24 -19.13 -22.23
N PHE C 214 -8.27 -20.18 -23.12
CA PHE C 214 -7.58 -20.14 -24.40
C PHE C 214 -8.03 -18.93 -25.24
N ALA C 215 -9.35 -18.74 -25.40
CA ALA C 215 -9.94 -17.62 -26.14
C ALA C 215 -9.43 -16.29 -25.57
N GLU C 216 -9.44 -16.17 -24.24
CA GLU C 216 -8.92 -15.03 -23.51
C GLU C 216 -7.40 -14.81 -23.73
N MET C 217 -6.59 -15.85 -23.83
CA MET C 217 -5.16 -15.68 -24.08
C MET C 217 -4.93 -15.08 -25.46
N LEU C 218 -5.75 -15.50 -26.44
CA LEU C 218 -5.67 -15.04 -27.83
C LEU C 218 -6.15 -13.59 -28.04
N THR C 219 -7.17 -13.15 -27.26
CA THR C 219 -7.75 -11.82 -27.43
C THR C 219 -7.37 -10.82 -26.34
N GLY C 220 -7.04 -11.34 -25.16
CA GLY C 220 -6.74 -10.52 -23.99
C GLY C 220 -8.01 -10.16 -23.23
N LYS C 221 -9.19 -10.37 -23.88
CA LYS C 221 -10.52 -10.06 -23.35
C LYS C 221 -11.24 -11.33 -22.89
N THR C 222 -12.14 -11.19 -21.87
CA THR C 222 -12.97 -12.28 -21.37
C THR C 222 -13.94 -12.65 -22.50
N LEU C 223 -14.04 -13.95 -22.81
CA LEU C 223 -14.93 -14.42 -23.88
C LEU C 223 -16.42 -14.12 -23.59
N PHE C 224 -16.91 -14.55 -22.42
CA PHE C 224 -18.29 -14.32 -21.97
C PHE C 224 -18.24 -13.66 -20.60
N ALA C 225 -18.43 -12.32 -20.56
CA ALA C 225 -18.34 -11.53 -19.32
C ALA C 225 -19.69 -11.06 -18.77
N GLY C 226 -20.47 -12.02 -18.30
CA GLY C 226 -21.78 -11.75 -17.71
C GLY C 226 -21.69 -11.43 -16.23
N ALA C 227 -22.43 -10.38 -15.80
CA ALA C 227 -22.51 -9.89 -14.42
C ALA C 227 -23.08 -10.96 -13.47
N HIS C 228 -24.11 -11.72 -13.92
CA HIS C 228 -24.76 -12.78 -13.14
C HIS C 228 -25.01 -14.00 -14.02
N GLU C 229 -25.47 -15.13 -13.43
CA GLU C 229 -25.79 -16.38 -14.12
C GLU C 229 -26.72 -16.19 -15.35
N LEU C 230 -27.75 -15.32 -15.25
CA LEU C 230 -28.67 -15.06 -16.34
C LEU C 230 -28.00 -14.41 -17.56
N GLU C 231 -27.24 -13.32 -17.32
CA GLU C 231 -26.52 -12.59 -18.38
C GLU C 231 -25.46 -13.50 -19.02
N GLN C 232 -24.82 -14.34 -18.20
CA GLN C 232 -23.80 -15.32 -18.60
C GLN C 232 -24.37 -16.30 -19.64
N MET C 233 -25.52 -16.94 -19.33
CA MET C 233 -26.20 -17.87 -20.23
C MET C 233 -26.63 -17.19 -21.54
N GLN C 234 -27.18 -15.97 -21.45
CA GLN C 234 -27.60 -15.17 -22.60
C GLN C 234 -26.43 -14.89 -23.54
N LEU C 235 -25.23 -14.58 -22.98
CA LEU C 235 -23.99 -14.32 -23.72
C LEU C 235 -23.48 -15.55 -24.46
N ILE C 236 -23.61 -16.73 -23.82
CA ILE C 236 -23.22 -18.04 -24.37
C ILE C 236 -24.16 -18.38 -25.52
N LEU C 237 -25.50 -18.30 -25.28
CA LEU C 237 -26.56 -18.61 -26.24
C LEU C 237 -26.51 -17.76 -27.50
N GLU C 238 -25.91 -16.56 -27.41
CA GLU C 238 -25.69 -15.63 -28.52
C GLU C 238 -24.58 -16.12 -29.44
N SER C 239 -23.74 -17.06 -28.97
CA SER C 239 -22.59 -17.54 -29.76
C SER C 239 -22.48 -19.05 -29.94
N ILE C 240 -23.01 -19.85 -29.00
CA ILE C 240 -22.89 -21.31 -29.00
C ILE C 240 -24.19 -21.98 -29.43
N PRO C 241 -24.14 -22.84 -30.49
CA PRO C 241 -25.38 -23.52 -30.90
C PRO C 241 -25.83 -24.57 -29.91
N VAL C 242 -27.15 -24.80 -29.84
CA VAL C 242 -27.77 -25.83 -29.01
C VAL C 242 -28.26 -26.83 -30.05
N VAL C 243 -27.57 -27.98 -30.17
CA VAL C 243 -27.82 -28.97 -31.21
C VAL C 243 -28.64 -30.18 -30.74
N HIS C 244 -28.87 -30.31 -29.44
CA HIS C 244 -29.64 -31.43 -28.89
C HIS C 244 -30.96 -30.94 -28.34
N GLU C 245 -32.05 -31.68 -28.66
CA GLU C 245 -33.42 -31.35 -28.22
C GLU C 245 -33.56 -31.42 -26.69
N GLU C 246 -32.79 -32.32 -26.03
CA GLU C 246 -32.73 -32.50 -24.57
C GLU C 246 -32.30 -31.16 -23.92
N ASP C 247 -31.22 -30.54 -24.46
CA ASP C 247 -30.68 -29.25 -24.03
C ASP C 247 -31.65 -28.10 -24.32
N ARG C 248 -32.34 -28.15 -25.50
CA ARG C 248 -33.32 -27.14 -25.91
C ARG C 248 -34.57 -27.17 -25.02
N GLN C 249 -35.00 -28.39 -24.63
CA GLN C 249 -36.16 -28.62 -23.74
C GLN C 249 -35.85 -28.12 -22.33
N GLU C 250 -34.60 -28.30 -21.89
CA GLU C 250 -34.11 -27.86 -20.59
C GLU C 250 -34.08 -26.32 -20.51
N LEU C 251 -33.63 -25.66 -21.58
CA LEU C 251 -33.55 -24.21 -21.68
C LEU C 251 -34.93 -23.55 -21.76
N LEU C 252 -35.92 -24.25 -22.38
CA LEU C 252 -37.30 -23.77 -22.52
C LEU C 252 -38.01 -23.63 -21.18
N SER C 253 -37.62 -24.45 -20.19
CA SER C 253 -38.20 -24.45 -18.84
C SER C 253 -37.61 -23.34 -17.99
N VAL C 254 -36.30 -23.09 -18.16
CA VAL C 254 -35.53 -22.10 -17.41
C VAL C 254 -35.78 -20.66 -17.94
N ILE C 255 -35.99 -20.49 -19.28
CA ILE C 255 -36.28 -19.18 -19.88
C ILE C 255 -37.22 -19.32 -21.11
N ARG C 260 -35.43 -19.71 -28.85
CA ARG C 260 -35.96 -19.75 -30.21
C ARG C 260 -36.21 -21.20 -30.65
N ASN C 261 -36.99 -21.36 -31.73
CA ASN C 261 -37.32 -22.67 -32.31
C ASN C 261 -36.08 -23.35 -32.94
N ASP C 262 -35.17 -22.55 -33.54
CA ASP C 262 -33.92 -23.03 -34.15
C ASP C 262 -32.74 -22.41 -33.40
N MET C 263 -32.14 -23.19 -32.49
CA MET C 263 -31.00 -22.74 -31.70
C MET C 263 -29.65 -23.20 -32.30
N THR C 264 -29.72 -23.85 -33.48
CA THR C 264 -28.59 -24.38 -34.26
C THR C 264 -27.76 -23.23 -34.89
N GLU C 265 -28.43 -22.11 -35.25
CA GLU C 265 -27.83 -20.93 -35.90
C GLU C 265 -27.77 -19.72 -34.91
N PRO C 266 -26.64 -19.50 -34.18
CA PRO C 266 -26.59 -18.41 -33.18
C PRO C 266 -26.34 -16.99 -33.73
N HIS C 267 -26.85 -16.00 -32.97
CA HIS C 267 -26.82 -14.54 -33.18
C HIS C 267 -25.48 -13.99 -33.69
N LYS C 268 -24.38 -14.28 -32.97
CA LYS C 268 -23.01 -13.84 -33.26
C LYS C 268 -22.09 -15.06 -33.09
N PRO C 269 -21.76 -15.78 -34.19
CA PRO C 269 -20.86 -16.96 -34.07
C PRO C 269 -19.50 -16.70 -33.41
N LEU C 270 -18.80 -17.78 -33.01
CA LEU C 270 -17.50 -17.77 -32.35
C LEU C 270 -16.40 -17.04 -33.15
N THR C 271 -16.28 -17.30 -34.47
CA THR C 271 -15.35 -16.66 -35.43
C THR C 271 -15.41 -15.12 -35.35
N GLN C 272 -16.61 -14.56 -35.10
CA GLN C 272 -16.86 -13.13 -34.94
C GLN C 272 -16.29 -12.60 -33.61
N LEU C 273 -16.22 -13.45 -32.57
CA LEU C 273 -15.71 -13.08 -31.25
C LEU C 273 -14.18 -13.11 -31.19
N LEU C 274 -13.56 -13.81 -32.14
CA LEU C 274 -12.10 -13.94 -32.22
C LEU C 274 -11.62 -13.43 -33.60
N PRO C 275 -11.64 -12.10 -33.80
CA PRO C 275 -11.23 -11.54 -35.09
C PRO C 275 -9.72 -11.55 -35.25
N GLY C 276 -9.27 -11.95 -36.43
CA GLY C 276 -7.85 -12.02 -36.75
C GLY C 276 -7.14 -13.24 -36.20
N ILE C 277 -7.90 -14.18 -35.58
CA ILE C 277 -7.38 -15.43 -35.04
C ILE C 277 -7.47 -16.51 -36.14
N SER C 278 -6.40 -17.33 -36.30
CA SER C 278 -6.34 -18.39 -37.31
C SER C 278 -7.53 -19.35 -37.28
N ARG C 279 -7.96 -19.86 -38.46
CA ARG C 279 -9.04 -20.84 -38.62
C ARG C 279 -8.79 -22.10 -37.77
N GLU C 280 -7.52 -22.54 -37.70
CA GLU C 280 -7.06 -23.71 -36.97
C GLU C 280 -7.41 -23.59 -35.49
N ALA C 281 -7.13 -22.41 -34.90
CA ALA C 281 -7.38 -22.09 -33.50
C ALA C 281 -8.87 -21.99 -33.21
N VAL C 282 -9.65 -21.35 -34.10
CA VAL C 282 -11.10 -21.18 -33.93
C VAL C 282 -11.79 -22.55 -34.05
N ASP C 283 -11.35 -23.37 -35.01
CA ASP C 283 -11.86 -24.72 -35.20
C ASP C 283 -11.63 -25.59 -33.99
N PHE C 284 -10.45 -25.51 -33.37
CA PHE C 284 -10.08 -26.22 -32.16
C PHE C 284 -10.98 -25.82 -31.00
N LEU C 285 -11.14 -24.50 -30.82
CA LEU C 285 -11.99 -23.90 -29.80
C LEU C 285 -13.49 -24.28 -29.98
N GLU C 286 -13.98 -24.36 -31.23
CA GLU C 286 -15.36 -24.76 -31.52
C GLU C 286 -15.65 -26.17 -31.01
N GLN C 287 -14.61 -27.02 -30.93
CA GLN C 287 -14.70 -28.41 -30.47
C GLN C 287 -14.67 -28.55 -28.94
N ILE C 288 -14.31 -27.48 -28.25
CA ILE C 288 -14.26 -27.40 -26.79
C ILE C 288 -15.48 -26.62 -26.29
N LEU C 289 -15.78 -25.48 -26.92
CA LEU C 289 -16.92 -24.67 -26.51
C LEU C 289 -18.22 -25.13 -27.17
N THR C 290 -18.59 -26.37 -26.86
CA THR C 290 -19.85 -27.01 -27.30
C THR C 290 -20.77 -26.88 -26.10
N PHE C 291 -22.07 -26.62 -26.34
CA PHE C 291 -23.09 -26.49 -25.29
C PHE C 291 -23.20 -27.77 -24.44
N SER C 292 -23.19 -28.95 -25.11
CA SER C 292 -23.30 -30.25 -24.48
C SER C 292 -21.95 -30.86 -24.09
N PRO C 293 -21.81 -31.36 -22.83
CA PRO C 293 -20.56 -32.03 -22.43
C PRO C 293 -20.23 -33.30 -23.22
N MET C 294 -21.25 -33.93 -23.80
CA MET C 294 -21.15 -35.16 -24.60
C MET C 294 -20.31 -34.95 -25.86
N ASP C 295 -20.55 -33.83 -26.58
CA ASP C 295 -19.88 -33.44 -27.83
C ASP C 295 -18.52 -32.86 -27.57
N ARG C 296 -18.32 -32.35 -26.35
CA ARG C 296 -17.09 -31.71 -25.91
C ARG C 296 -15.91 -32.65 -25.87
N LEU C 297 -14.73 -32.13 -26.32
CA LEU C 297 -13.44 -32.78 -26.31
C LEU C 297 -13.00 -33.00 -24.86
N THR C 298 -12.37 -34.12 -24.61
CA THR C 298 -11.79 -34.43 -23.30
C THR C 298 -10.39 -33.84 -23.38
N ALA C 299 -9.69 -33.68 -22.24
CA ALA C 299 -8.32 -33.16 -22.24
C ALA C 299 -7.43 -34.04 -23.13
N GLU C 300 -7.60 -35.38 -23.07
CA GLU C 300 -6.88 -36.37 -23.89
C GLU C 300 -7.17 -36.19 -25.40
N GLU C 301 -8.45 -35.99 -25.78
CA GLU C 301 -8.86 -35.77 -27.18
C GLU C 301 -8.33 -34.45 -27.71
N ALA C 302 -8.38 -33.38 -26.90
CA ALA C 302 -7.85 -32.08 -27.26
C ALA C 302 -6.33 -32.11 -27.52
N LEU C 303 -5.59 -32.97 -26.78
CA LEU C 303 -4.13 -33.10 -26.95
C LEU C 303 -3.78 -33.86 -28.23
N SER C 304 -4.69 -34.72 -28.67
CA SER C 304 -4.57 -35.52 -29.88
C SER C 304 -4.96 -34.72 -31.12
N HIS C 305 -5.69 -33.61 -30.93
CA HIS C 305 -6.12 -32.72 -32.00
C HIS C 305 -4.90 -32.16 -32.76
N PRO C 306 -4.92 -32.06 -34.11
CA PRO C 306 -3.72 -31.58 -34.84
C PRO C 306 -3.19 -30.22 -34.38
N TYR C 307 -4.07 -29.36 -33.86
CA TYR C 307 -3.71 -28.04 -33.34
C TYR C 307 -2.68 -28.11 -32.17
N MET C 308 -2.72 -29.23 -31.39
CA MET C 308 -1.87 -29.50 -30.21
C MET C 308 -0.81 -30.59 -30.41
N SER C 309 -1.15 -31.61 -31.21
CA SER C 309 -0.32 -32.76 -31.49
C SER C 309 1.16 -32.41 -31.95
N ILE C 310 1.41 -31.14 -32.34
CA ILE C 310 2.73 -30.56 -32.73
C ILE C 310 3.72 -30.60 -31.54
N TYR C 311 3.21 -30.45 -30.29
CA TYR C 311 4.04 -30.41 -29.09
C TYR C 311 4.35 -31.78 -28.53
N GLY D 5 -16.02 10.64 -25.65
CA GLY D 5 -15.50 10.78 -24.28
C GLY D 5 -14.89 12.14 -24.01
N PHE D 6 -14.99 12.60 -22.72
CA PHE D 6 -14.45 13.89 -22.31
C PHE D 6 -13.17 13.76 -21.47
N ASP D 7 -12.33 14.82 -21.47
CA ASP D 7 -11.03 14.85 -20.77
C ASP D 7 -10.95 15.93 -19.67
N LEU D 8 -10.17 15.65 -18.61
CA LEU D 8 -9.96 16.57 -17.50
C LEU D 8 -8.50 16.96 -17.44
N GLY D 9 -8.22 18.19 -17.84
CA GLY D 9 -6.87 18.72 -17.93
C GLY D 9 -6.19 18.09 -19.14
N SER D 10 -5.01 17.52 -18.92
CA SER D 10 -4.27 16.87 -19.99
C SER D 10 -3.92 15.42 -19.64
N ARG D 11 -3.96 15.11 -18.34
CA ARG D 11 -3.59 13.82 -17.77
C ARG D 11 -4.71 12.80 -17.76
N TYR D 12 -5.95 13.23 -17.47
CA TYR D 12 -7.07 12.32 -17.30
C TYR D 12 -8.01 12.33 -18.47
N MET D 13 -8.06 11.17 -19.15
CA MET D 13 -8.79 10.89 -20.38
C MET D 13 -10.02 10.00 -20.15
N ASP D 14 -11.03 10.17 -21.03
CA ASP D 14 -12.26 9.39 -21.14
C ASP D 14 -13.07 9.32 -19.84
N LEU D 15 -13.52 10.49 -19.37
CA LEU D 15 -14.32 10.63 -18.14
C LEU D 15 -15.73 10.15 -18.37
N LYS D 16 -16.06 9.06 -17.71
CA LYS D 16 -17.37 8.41 -17.79
C LYS D 16 -17.96 8.57 -16.40
N PRO D 17 -19.14 9.22 -16.24
CA PRO D 17 -19.71 9.37 -14.88
C PRO D 17 -20.13 8.02 -14.32
N LEU D 18 -19.67 7.70 -13.10
CA LEU D 18 -19.91 6.42 -12.42
C LEU D 18 -21.32 6.36 -11.85
N GLY D 19 -22.30 6.80 -12.69
CA GLY D 19 -23.73 6.85 -12.39
C GLY D 19 -24.50 8.06 -12.90
N CYS D 20 -25.52 8.52 -12.12
CA CYS D 20 -26.45 9.63 -12.43
C CYS D 20 -26.77 10.54 -11.18
N GLY D 21 -27.28 11.75 -11.43
CA GLY D 21 -27.68 12.74 -10.42
C GLY D 21 -26.53 13.18 -9.54
N GLY D 22 -26.49 12.63 -8.33
CA GLY D 22 -25.41 12.87 -7.38
C GLY D 22 -24.17 12.07 -7.75
N ASN D 23 -24.35 11.02 -8.59
CA ASN D 23 -23.30 10.15 -9.12
C ASN D 23 -22.81 10.68 -10.49
N GLY D 24 -23.25 11.88 -10.85
CA GLY D 24 -22.82 12.61 -12.04
C GLY D 24 -21.63 13.50 -11.74
N LEU D 25 -21.14 13.44 -10.46
CA LEU D 25 -19.98 14.14 -9.91
C LEU D 25 -18.84 13.14 -9.61
N VAL D 26 -19.07 11.86 -9.90
CA VAL D 26 -18.14 10.76 -9.72
C VAL D 26 -17.85 10.27 -11.12
N PHE D 27 -16.60 10.03 -11.45
CA PHE D 27 -16.25 9.58 -12.80
C PHE D 27 -15.21 8.50 -12.76
N SER D 28 -15.11 7.72 -13.83
CA SER D 28 -14.02 6.80 -14.00
C SER D 28 -13.25 7.34 -15.21
N ALA D 29 -11.93 7.47 -15.07
CA ALA D 29 -11.07 7.96 -16.15
C ALA D 29 -9.78 7.14 -16.21
N VAL D 30 -8.96 7.38 -17.23
CA VAL D 30 -7.68 6.75 -17.42
C VAL D 30 -6.58 7.82 -17.17
N ASP D 31 -5.62 7.50 -16.30
CA ASP D 31 -4.48 8.38 -16.04
C ASP D 31 -3.51 8.11 -17.19
N ASN D 32 -3.54 8.92 -18.27
CA ASN D 32 -2.71 8.68 -19.46
C ASN D 32 -1.18 8.64 -19.15
N ASP D 33 -0.77 9.17 -17.98
CA ASP D 33 0.59 9.20 -17.48
C ASP D 33 1.11 7.76 -17.29
N CYS D 34 0.33 6.90 -16.60
CA CYS D 34 0.71 5.50 -16.32
C CYS D 34 -0.26 4.46 -16.94
N ASP D 35 -1.32 4.92 -17.62
CA ASP D 35 -2.38 4.14 -18.26
C ASP D 35 -3.11 3.20 -17.27
N LYS D 36 -3.47 3.78 -16.11
CA LYS D 36 -4.21 3.13 -15.02
C LYS D 36 -5.58 3.76 -14.89
N ARG D 37 -6.61 2.97 -14.55
CA ARG D 37 -7.96 3.48 -14.33
C ARG D 37 -8.00 4.16 -12.95
N VAL D 38 -8.68 5.31 -12.88
CA VAL D 38 -8.84 6.08 -11.63
C VAL D 38 -10.30 6.44 -11.44
N ALA D 39 -10.69 6.76 -10.20
CA ALA D 39 -12.03 7.24 -9.82
C ALA D 39 -11.83 8.72 -9.46
N ILE D 40 -12.56 9.63 -10.10
CA ILE D 40 -12.44 11.10 -9.87
C ILE D 40 -13.71 11.64 -9.28
N LYS D 41 -13.60 12.33 -8.18
CA LYS D 41 -14.74 12.90 -7.53
C LYS D 41 -14.70 14.44 -7.53
N LYS D 42 -15.72 15.08 -8.09
CA LYS D 42 -15.81 16.53 -8.12
C LYS D 42 -16.49 17.01 -6.84
N ILE D 43 -15.81 17.92 -6.16
CA ILE D 43 -16.33 18.53 -4.96
C ILE D 43 -16.71 19.97 -5.30
N VAL D 44 -18.00 20.26 -5.23
CA VAL D 44 -18.56 21.58 -5.46
C VAL D 44 -18.44 22.35 -4.15
N LEU D 45 -17.83 23.52 -4.23
CA LEU D 45 -17.58 24.37 -3.07
C LEU D 45 -18.53 25.59 -3.04
N THR D 46 -18.57 26.32 -1.91
CA THR D 46 -19.47 27.47 -1.90
C THR D 46 -18.65 28.78 -1.50
N ASP D 47 -18.63 29.17 -0.20
CA ASP D 47 -17.92 30.34 0.34
C ASP D 47 -16.42 30.04 0.55
N PRO D 48 -15.48 31.02 0.61
CA PRO D 48 -14.05 30.67 0.79
C PRO D 48 -13.68 30.01 2.13
N GLN D 49 -14.58 30.00 3.15
CA GLN D 49 -14.32 29.35 4.44
C GLN D 49 -14.60 27.86 4.31
N SER D 50 -15.51 27.52 3.37
CA SER D 50 -15.82 26.13 3.00
C SER D 50 -14.64 25.62 2.16
N VAL D 51 -13.94 26.55 1.46
CA VAL D 51 -12.74 26.27 0.63
C VAL D 51 -11.55 26.05 1.56
N LYS D 52 -11.46 26.83 2.62
CA LYS D 52 -10.43 26.77 3.67
C LYS D 52 -10.51 25.35 4.31
N HIS D 53 -11.71 24.97 4.75
CA HIS D 53 -12.01 23.70 5.38
C HIS D 53 -11.77 22.49 4.49
N ALA D 54 -12.30 22.50 3.26
CA ALA D 54 -12.19 21.36 2.32
C ALA D 54 -10.73 21.05 2.01
N LEU D 55 -9.91 22.09 1.74
CA LEU D 55 -8.50 21.93 1.44
C LEU D 55 -7.73 21.32 2.61
N ARG D 56 -7.90 21.90 3.82
CA ARG D 56 -7.33 21.38 5.05
C ARG D 56 -7.72 19.90 5.27
N GLU D 57 -9.00 19.54 5.08
CA GLU D 57 -9.49 18.16 5.26
C GLU D 57 -8.93 17.16 4.24
N ILE D 58 -9.06 17.50 2.96
CA ILE D 58 -8.56 16.75 1.80
C ILE D 58 -7.06 16.46 1.95
N LYS D 59 -6.28 17.46 2.38
CA LYS D 59 -4.86 17.32 2.52
C LYS D 59 -4.48 16.37 3.70
N ILE D 60 -5.33 16.26 4.75
CA ILE D 60 -5.15 15.32 5.87
C ILE D 60 -5.38 13.88 5.32
N ILE D 61 -6.54 13.67 4.67
CA ILE D 61 -6.96 12.40 4.03
C ILE D 61 -5.97 11.93 2.97
N ARG D 62 -5.54 12.81 2.07
CA ARG D 62 -4.59 12.46 1.02
C ARG D 62 -3.25 11.94 1.57
N ARG D 63 -2.91 12.30 2.84
CA ARG D 63 -1.69 11.91 3.55
C ARG D 63 -1.87 10.61 4.35
N LEU D 64 -3.12 10.11 4.43
CA LEU D 64 -3.38 8.81 5.04
C LEU D 64 -2.94 7.76 4.03
N ASP D 65 -2.10 6.83 4.43
CA ASP D 65 -1.75 5.74 3.53
C ASP D 65 -1.83 4.41 4.27
N HIS D 66 -2.83 3.62 3.90
CA HIS D 66 -3.08 2.32 4.48
C HIS D 66 -3.66 1.41 3.40
N ASP D 67 -3.40 0.12 3.54
CA ASP D 67 -3.85 -0.93 2.61
C ASP D 67 -5.38 -1.07 2.50
N ASN D 68 -6.11 -0.63 3.53
CA ASN D 68 -7.57 -0.76 3.61
C ASN D 68 -8.27 0.57 3.59
N ILE D 69 -7.58 1.58 3.07
CA ILE D 69 -8.14 2.92 2.87
C ILE D 69 -7.92 3.18 1.39
N VAL D 70 -9.00 3.55 0.65
CA VAL D 70 -8.89 3.87 -0.78
C VAL D 70 -7.81 4.96 -0.94
N LYS D 71 -6.84 4.72 -1.80
CA LYS D 71 -5.76 5.67 -2.01
C LYS D 71 -6.21 6.93 -2.76
N VAL D 72 -5.81 8.11 -2.25
CA VAL D 72 -6.04 9.42 -2.89
C VAL D 72 -4.73 9.80 -3.59
N PHE D 73 -4.75 9.90 -4.91
CA PHE D 73 -3.56 10.21 -5.72
C PHE D 73 -3.25 11.69 -5.83
N GLU D 74 -4.20 12.50 -6.33
CA GLU D 74 -4.03 13.94 -6.57
C GLU D 74 -5.24 14.75 -6.17
N ILE D 75 -5.02 16.06 -6.02
CA ILE D 75 -6.05 17.08 -5.80
C ILE D 75 -5.91 17.98 -7.03
N LEU D 76 -7.00 18.12 -7.77
CA LEU D 76 -7.01 18.95 -8.96
C LEU D 76 -7.89 20.15 -8.74
N GLY D 77 -7.60 21.23 -9.45
CA GLY D 77 -8.39 22.45 -9.33
C GLY D 77 -9.58 22.47 -10.29
N PRO D 78 -10.24 23.64 -10.46
CA PRO D 78 -11.39 23.71 -11.38
C PRO D 78 -11.10 23.37 -12.84
N SER D 79 -9.89 23.70 -13.31
CA SER D 79 -9.42 23.50 -14.68
C SER D 79 -9.01 22.04 -14.97
N GLY D 80 -8.92 21.23 -13.91
CA GLY D 80 -8.46 19.86 -14.01
C GLY D 80 -6.95 19.74 -13.91
N SER D 81 -6.25 20.87 -13.65
CA SER D 81 -4.80 20.91 -13.46
C SER D 81 -4.49 20.67 -11.98
N GLN D 82 -3.29 20.13 -11.68
CA GLN D 82 -2.89 19.81 -10.31
C GLN D 82 -2.91 21.00 -9.36
N LEU D 83 -3.49 20.77 -8.17
CA LEU D 83 -3.59 21.80 -7.17
C LEU D 83 -2.20 22.06 -6.61
N THR D 84 -1.69 23.25 -6.96
CA THR D 84 -0.39 23.78 -6.56
C THR D 84 -0.48 24.34 -5.14
N ASP D 85 0.68 24.52 -4.47
CA ASP D 85 0.72 25.05 -3.11
C ASP D 85 0.86 26.58 -3.08
N ASP D 86 -0.30 27.28 -2.96
CA ASP D 86 -0.44 28.74 -2.87
C ASP D 86 -1.84 29.15 -2.35
N VAL D 87 -1.90 30.25 -1.59
CA VAL D 87 -3.15 30.76 -1.02
C VAL D 87 -3.58 32.05 -1.75
N GLY D 88 -3.79 31.90 -3.06
CA GLY D 88 -4.25 32.95 -3.95
C GLY D 88 -5.58 32.56 -4.57
N SER D 89 -5.77 31.24 -4.70
CA SER D 89 -6.98 30.59 -5.22
C SER D 89 -7.96 30.36 -4.06
N LEU D 90 -8.84 31.36 -3.80
CA LEU D 90 -9.83 31.29 -2.69
C LEU D 90 -11.26 31.46 -3.17
N THR D 91 -11.54 32.55 -3.93
CA THR D 91 -12.84 32.83 -4.56
C THR D 91 -12.81 32.09 -5.91
N GLU D 92 -11.58 32.00 -6.51
CA GLU D 92 -11.25 31.33 -7.77
C GLU D 92 -11.42 29.80 -7.69
N LEU D 93 -11.30 29.22 -6.46
CA LEU D 93 -11.50 27.79 -6.25
C LEU D 93 -12.98 27.54 -6.03
N ASN D 94 -13.72 27.37 -7.14
CA ASN D 94 -15.16 27.10 -7.08
C ASN D 94 -15.41 25.59 -6.87
N SER D 95 -14.42 24.79 -7.26
CA SER D 95 -14.48 23.33 -7.15
C SER D 95 -13.08 22.73 -7.12
N VAL D 96 -13.01 21.47 -6.66
CA VAL D 96 -11.80 20.65 -6.69
C VAL D 96 -12.15 19.22 -7.14
N TYR D 97 -11.19 18.53 -7.76
CA TYR D 97 -11.35 17.13 -8.17
C TYR D 97 -10.42 16.25 -7.35
N ILE D 98 -10.95 15.14 -6.85
CA ILE D 98 -10.18 14.18 -6.06
C ILE D 98 -9.98 12.94 -6.87
N VAL D 99 -8.72 12.70 -7.25
CA VAL D 99 -8.31 11.54 -8.05
C VAL D 99 -7.94 10.44 -7.04
N GLN D 100 -8.62 9.30 -7.16
CA GLN D 100 -8.36 8.19 -6.23
C GLN D 100 -8.32 6.85 -6.98
N GLU D 101 -7.83 5.80 -6.33
CA GLU D 101 -7.72 4.49 -6.98
C GLU D 101 -9.06 3.91 -7.36
N TYR D 102 -9.12 3.30 -8.55
CA TYR D 102 -10.33 2.67 -9.00
C TYR D 102 -10.42 1.27 -8.38
N MET D 103 -11.55 1.01 -7.72
CA MET D 103 -11.88 -0.26 -7.11
C MET D 103 -12.90 -0.93 -8.01
N GLU D 104 -12.85 -2.24 -8.14
CA GLU D 104 -13.76 -3.01 -8.98
C GLU D 104 -15.25 -2.77 -8.63
N THR D 105 -15.62 -2.81 -7.35
CA THR D 105 -17.02 -2.65 -6.94
C THR D 105 -17.10 -2.22 -5.47
N ASP D 106 -18.32 -2.15 -4.91
CA ASP D 106 -18.56 -1.84 -3.49
C ASP D 106 -19.25 -3.02 -2.82
N LEU D 107 -19.24 -3.07 -1.47
CA LEU D 107 -19.82 -4.16 -0.70
C LEU D 107 -21.37 -4.29 -0.88
N ALA D 108 -22.09 -3.16 -1.06
CA ALA D 108 -23.53 -3.18 -1.30
C ALA D 108 -23.89 -3.97 -2.55
N ASN D 109 -23.10 -3.81 -3.63
CA ASN D 109 -23.29 -4.53 -4.90
C ASN D 109 -23.03 -6.05 -4.70
N VAL D 110 -22.00 -6.39 -3.94
CA VAL D 110 -21.60 -7.76 -3.64
C VAL D 110 -22.70 -8.44 -2.82
N LEU D 111 -23.21 -7.77 -1.78
CA LEU D 111 -24.24 -8.28 -0.87
C LEU D 111 -25.65 -8.40 -1.48
N GLU D 112 -25.91 -7.68 -2.59
CA GLU D 112 -27.18 -7.76 -3.32
C GLU D 112 -27.35 -9.18 -3.87
N GLN D 113 -26.22 -9.85 -4.18
CA GLN D 113 -26.15 -11.19 -4.74
C GLN D 113 -26.21 -12.31 -3.67
N GLY D 114 -26.48 -11.93 -2.42
CA GLY D 114 -26.61 -12.82 -1.27
C GLY D 114 -25.52 -12.68 -0.20
N PRO D 115 -25.65 -13.49 0.90
CA PRO D 115 -24.65 -13.46 1.99
C PRO D 115 -23.32 -14.06 1.57
N LEU D 116 -22.29 -13.74 2.35
CA LEU D 116 -20.96 -14.26 2.10
C LEU D 116 -20.71 -15.50 2.92
N LEU D 117 -19.70 -16.30 2.52
CA LEU D 117 -19.25 -17.45 3.29
C LEU D 117 -18.66 -16.82 4.57
N GLU D 118 -18.77 -17.50 5.72
CA GLU D 118 -18.23 -16.98 6.97
C GLU D 118 -16.75 -16.60 6.84
N GLU D 119 -15.96 -17.39 6.09
CA GLU D 119 -14.55 -17.14 5.84
C GLU D 119 -14.30 -15.81 5.14
N HIS D 120 -15.21 -15.40 4.23
CA HIS D 120 -15.11 -14.14 3.50
C HIS D 120 -15.57 -12.95 4.34
N ALA D 121 -16.64 -13.15 5.13
CA ALA D 121 -17.21 -12.14 6.00
C ALA D 121 -16.17 -11.75 7.04
N ARG D 122 -15.49 -12.75 7.60
CA ARG D 122 -14.45 -12.65 8.62
C ARG D 122 -13.21 -11.93 8.06
N LEU D 123 -12.77 -12.29 6.83
CA LEU D 123 -11.62 -11.69 6.19
C LEU D 123 -11.85 -10.18 5.88
N PHE D 124 -13.07 -9.83 5.42
CA PHE D 124 -13.49 -8.49 5.13
C PHE D 124 -13.61 -7.64 6.39
N MET D 125 -14.12 -8.23 7.48
CA MET D 125 -14.25 -7.64 8.83
C MET D 125 -12.86 -7.31 9.39
N TYR D 126 -11.90 -8.21 9.20
CA TYR D 126 -10.53 -7.98 9.64
C TYR D 126 -9.94 -6.73 8.95
N GLN D 127 -10.14 -6.62 7.64
CA GLN D 127 -9.67 -5.51 6.81
C GLN D 127 -10.36 -4.20 7.17
N LEU D 128 -11.66 -4.27 7.48
CA LEU D 128 -12.42 -3.10 7.90
C LEU D 128 -11.86 -2.59 9.24
N LEU D 129 -11.68 -3.49 10.23
CA LEU D 129 -11.13 -3.16 11.55
C LEU D 129 -9.70 -2.65 11.45
N ARG D 130 -8.91 -3.18 10.54
CA ARG D 130 -7.53 -2.74 10.32
C ARG D 130 -7.53 -1.30 9.79
N GLY D 131 -8.48 -0.97 8.92
CA GLY D 131 -8.65 0.36 8.33
C GLY D 131 -9.13 1.38 9.33
N LEU D 132 -10.08 0.99 10.23
CA LEU D 132 -10.61 1.82 11.30
C LEU D 132 -9.55 2.11 12.37
N LYS D 133 -8.88 1.07 12.87
CA LYS D 133 -7.80 1.21 13.85
C LYS D 133 -6.79 2.24 13.35
N TYR D 134 -6.47 2.17 12.04
CA TYR D 134 -5.53 3.09 11.43
C TYR D 134 -6.03 4.53 11.49
N ILE D 135 -7.20 4.81 10.88
CA ILE D 135 -7.74 6.16 10.80
C ILE D 135 -8.04 6.72 12.19
N HIS D 136 -8.50 5.87 13.14
CA HIS D 136 -8.76 6.30 14.52
C HIS D 136 -7.47 6.76 15.21
N SER D 137 -6.36 6.07 14.92
CA SER D 137 -5.04 6.42 15.46
C SER D 137 -4.54 7.77 14.89
N ALA D 138 -5.07 8.19 13.70
CA ALA D 138 -4.79 9.47 13.03
C ALA D 138 -5.86 10.55 13.38
N ASN D 139 -6.75 10.24 14.37
CA ASN D 139 -7.87 11.07 14.87
C ASN D 139 -8.85 11.45 13.77
N VAL D 140 -9.02 10.54 12.82
CA VAL D 140 -9.97 10.61 11.70
C VAL D 140 -11.05 9.53 11.97
N LEU D 141 -12.28 9.80 11.59
CA LEU D 141 -13.37 8.83 11.71
C LEU D 141 -14.15 8.82 10.44
N HIS D 142 -14.96 7.80 10.24
CA HIS D 142 -15.79 7.77 9.05
C HIS D 142 -17.22 8.13 9.48
N ARG D 143 -17.75 9.20 8.95
CA ARG D 143 -19.09 9.66 9.32
C ARG D 143 -20.21 8.95 8.58
N ASP D 144 -19.88 8.02 7.69
CA ASP D 144 -20.89 7.38 6.87
C ASP D 144 -20.48 5.97 6.50
N LEU D 145 -20.17 5.17 7.52
CA LEU D 145 -19.73 3.79 7.33
C LEU D 145 -20.96 2.91 7.07
N LYS D 146 -21.00 2.34 5.86
CA LYS D 146 -22.07 1.51 5.32
C LYS D 146 -21.50 0.71 4.15
N PRO D 147 -22.15 -0.40 3.70
CA PRO D 147 -21.56 -1.23 2.61
C PRO D 147 -21.26 -0.51 1.30
N ALA D 148 -22.04 0.53 0.95
CA ALA D 148 -21.82 1.32 -0.28
C ALA D 148 -20.48 2.11 -0.26
N ASN D 149 -19.93 2.36 0.93
CA ASN D 149 -18.70 3.09 1.19
C ASN D 149 -17.52 2.19 1.48
N LEU D 150 -17.69 0.89 1.22
CA LEU D 150 -16.64 -0.12 1.38
C LEU D 150 -16.43 -0.70 0.02
N PHE D 151 -15.25 -0.51 -0.52
CA PHE D 151 -14.91 -0.91 -1.88
C PHE D 151 -14.13 -2.19 -1.91
N ILE D 152 -14.46 -3.07 -2.87
CA ILE D 152 -13.88 -4.41 -3.02
C ILE D 152 -13.22 -4.61 -4.37
N ASN D 153 -12.09 -5.32 -4.35
CA ASN D 153 -11.42 -5.87 -5.53
C ASN D 153 -11.64 -7.36 -5.25
N THR D 154 -12.72 -7.89 -5.84
CA THR D 154 -13.21 -9.26 -5.61
C THR D 154 -12.20 -10.36 -5.86
N GLU D 155 -11.34 -10.23 -6.91
CA GLU D 155 -10.38 -11.29 -7.21
C GLU D 155 -9.35 -11.45 -6.11
N ASP D 156 -8.88 -10.30 -5.57
CA ASP D 156 -7.83 -10.22 -4.57
C ASP D 156 -8.38 -10.34 -3.15
N LEU D 157 -9.73 -10.30 -3.00
CA LEU D 157 -10.48 -10.34 -1.72
C LEU D 157 -10.01 -9.21 -0.79
N VAL D 158 -9.86 -8.02 -1.38
CA VAL D 158 -9.37 -6.80 -0.73
C VAL D 158 -10.51 -5.87 -0.49
N LEU D 159 -10.65 -5.40 0.75
CA LEU D 159 -11.65 -4.41 1.13
C LEU D 159 -10.90 -3.15 1.50
N LYS D 160 -11.37 -2.04 0.94
CA LYS D 160 -10.85 -0.70 1.26
C LYS D 160 -11.99 0.25 1.64
N ILE D 161 -11.77 1.07 2.66
CA ILE D 161 -12.74 2.10 3.11
C ILE D 161 -12.64 3.31 2.19
N GLY D 162 -13.79 3.82 1.73
CA GLY D 162 -13.89 5.02 0.91
C GLY D 162 -13.52 6.29 1.67
N ASP D 163 -13.03 7.29 0.94
CA ASP D 163 -12.60 8.58 1.49
C ASP D 163 -13.73 9.57 1.77
N PHE D 164 -14.89 9.41 1.14
CA PHE D 164 -15.99 10.32 1.35
C PHE D 164 -16.70 9.94 2.58
N GLY D 165 -16.62 10.85 3.54
CA GLY D 165 -17.18 10.61 4.87
C GLY D 165 -16.07 10.59 5.88
N LEU D 166 -14.81 10.60 5.41
CA LEU D 166 -13.65 10.68 6.30
C LEU D 166 -13.54 12.13 6.86
N ALA D 167 -13.51 12.25 8.19
CA ALA D 167 -13.44 13.54 8.86
C ALA D 167 -12.61 13.47 10.12
N ARG D 168 -12.02 14.60 10.52
CA ARG D 168 -11.35 14.72 11.81
C ARG D 168 -12.39 14.67 12.94
N ILE D 169 -12.01 14.02 14.07
CA ILE D 169 -12.82 13.91 15.29
C ILE D 169 -13.05 15.29 15.92
N MET D 170 -14.32 15.58 16.14
CA MET D 170 -14.87 16.81 16.72
C MET D 170 -14.52 18.05 15.91
N ASP D 171 -14.58 17.93 14.58
CA ASP D 171 -14.38 19.04 13.66
C ASP D 171 -15.68 19.89 13.72
N PRO D 172 -15.58 21.16 14.24
CA PRO D 172 -16.79 22.01 14.42
C PRO D 172 -17.53 22.36 13.13
N HIS D 173 -16.92 22.11 11.94
CA HIS D 173 -17.54 22.36 10.64
C HIS D 173 -18.85 21.59 10.50
N TYR D 174 -18.86 20.38 11.09
CA TYR D 174 -19.93 19.41 11.15
C TYR D 174 -20.82 19.58 12.40
N SER D 175 -20.48 20.51 13.32
CA SER D 175 -21.34 20.71 14.50
C SER D 175 -22.63 21.38 14.03
N HIS D 176 -23.79 20.78 14.40
CA HIS D 176 -25.14 21.19 14.01
C HIS D 176 -25.40 20.96 12.49
N LYS D 177 -25.03 19.76 12.01
CA LYS D 177 -25.16 19.27 10.63
C LYS D 177 -25.73 17.82 10.58
N GLY D 178 -25.67 17.10 11.71
CA GLY D 178 -26.18 15.74 11.84
C GLY D 178 -27.70 15.64 11.82
N HIS D 179 -28.38 16.77 12.17
CA HIS D 179 -29.84 16.99 12.17
C HIS D 179 -30.34 17.54 10.78
N LEU D 180 -29.47 17.46 9.73
CA LEU D 180 -29.72 17.94 8.36
C LEU D 180 -29.68 16.80 7.33
N SER D 181 -30.60 16.81 6.34
CA SER D 181 -30.77 15.78 5.29
C SER D 181 -31.21 14.43 5.89
N GLU D 182 -31.99 14.49 6.94
CA GLU D 182 -32.46 13.32 7.67
C GLU D 182 -33.27 12.36 6.80
N GLY D 183 -34.16 12.90 5.95
CA GLY D 183 -34.95 12.11 4.99
C GLY D 183 -34.14 11.50 3.86
N LEU D 184 -32.87 11.87 3.70
CA LEU D 184 -32.02 11.35 2.64
C LEU D 184 -31.03 10.28 3.09
N VAL D 185 -30.64 10.32 4.38
CA VAL D 185 -29.58 9.44 4.92
C VAL D 185 -30.14 8.23 5.61
N THR D 186 -29.48 7.08 5.39
CA THR D 186 -29.82 5.78 6.01
C THR D 186 -29.49 5.79 7.52
N LYS D 187 -30.48 5.37 8.35
CA LYS D 187 -30.31 5.32 9.80
C LYS D 187 -29.84 3.93 10.24
N TRP D 188 -29.74 2.98 9.30
CA TRP D 188 -29.51 1.56 9.53
C TRP D 188 -28.21 1.17 10.26
N TYR D 189 -27.12 1.95 10.13
CA TYR D 189 -25.83 1.62 10.75
C TYR D 189 -25.49 2.54 11.89
N ARG D 190 -26.46 3.36 12.30
CA ARG D 190 -26.32 4.31 13.38
C ARG D 190 -26.54 3.63 14.71
N SER D 191 -25.63 3.93 15.64
CA SER D 191 -25.62 3.39 16.99
C SER D 191 -26.74 3.99 17.81
N PRO D 192 -27.16 3.32 18.90
CA PRO D 192 -28.19 3.90 19.77
C PRO D 192 -27.84 5.32 20.24
N ARG D 193 -26.56 5.61 20.56
CA ARG D 193 -26.22 6.96 21.01
C ARG D 193 -26.31 7.98 19.86
N LEU D 194 -25.92 7.60 18.63
CA LEU D 194 -26.05 8.48 17.47
C LEU D 194 -27.51 8.78 17.13
N LEU D 195 -28.45 7.84 17.43
CA LEU D 195 -29.87 8.09 17.24
C LEU D 195 -30.34 9.11 18.27
N LEU D 196 -29.79 9.05 19.50
CA LEU D 196 -30.13 9.95 20.60
C LEU D 196 -29.46 11.33 20.54
N SER D 197 -28.19 11.38 20.07
CA SER D 197 -27.38 12.59 19.93
C SER D 197 -26.86 12.61 18.48
N PRO D 198 -27.71 13.07 17.51
CA PRO D 198 -27.36 13.03 16.08
C PRO D 198 -26.10 13.77 15.59
N ASN D 199 -25.53 14.66 16.38
CA ASN D 199 -24.33 15.43 15.97
C ASN D 199 -23.00 14.87 16.49
N ASN D 200 -23.00 14.00 17.50
CA ASN D 200 -21.73 13.52 18.07
C ASN D 200 -21.23 12.23 17.44
N TYR D 201 -20.24 12.41 16.60
CA TYR D 201 -19.52 11.34 15.97
C TYR D 201 -18.31 11.07 16.82
N THR D 202 -18.13 9.79 17.10
CA THR D 202 -17.05 9.22 17.90
C THR D 202 -16.49 8.01 17.15
N LYS D 203 -15.35 7.49 17.63
CA LYS D 203 -14.69 6.30 17.10
C LYS D 203 -15.63 5.10 17.31
N ALA D 204 -16.32 5.05 18.48
CA ALA D 204 -17.27 4.00 18.87
C ALA D 204 -18.45 3.86 17.90
N ILE D 205 -18.94 4.99 17.31
CA ILE D 205 -20.04 4.92 16.36
C ILE D 205 -19.63 4.13 15.08
N ASP D 206 -18.32 4.21 14.68
CA ASP D 206 -17.79 3.47 13.54
C ASP D 206 -17.77 1.99 13.88
N MET D 207 -17.49 1.65 15.15
CA MET D 207 -17.44 0.27 15.61
C MET D 207 -18.81 -0.39 15.61
N TRP D 208 -19.86 0.37 15.94
CA TRP D 208 -21.21 -0.14 15.85
C TRP D 208 -21.55 -0.38 14.39
N ALA D 209 -21.26 0.58 13.47
CA ALA D 209 -21.50 0.44 12.01
C ALA D 209 -20.76 -0.82 11.46
N ALA D 210 -19.51 -1.08 11.92
CA ALA D 210 -18.70 -2.24 11.54
C ALA D 210 -19.39 -3.56 12.00
N GLY D 211 -19.97 -3.58 13.20
CA GLY D 211 -20.72 -4.74 13.70
C GLY D 211 -21.95 -5.02 12.88
N CYS D 212 -22.68 -3.96 12.46
CA CYS D 212 -23.88 -4.05 11.62
C CYS D 212 -23.54 -4.56 10.23
N ILE D 213 -22.37 -4.13 9.67
CA ILE D 213 -21.88 -4.54 8.36
C ILE D 213 -21.46 -6.01 8.41
N PHE D 214 -20.73 -6.41 9.48
CA PHE D 214 -20.34 -7.82 9.67
C PHE D 214 -21.57 -8.73 9.69
N ALA D 215 -22.58 -8.39 10.50
CA ALA D 215 -23.85 -9.15 10.60
C ALA D 215 -24.51 -9.27 9.22
N GLU D 216 -24.55 -8.15 8.47
CA GLU D 216 -25.08 -8.09 7.11
C GLU D 216 -24.26 -8.97 6.14
N MET D 217 -22.93 -9.05 6.30
CA MET D 217 -22.10 -9.86 5.43
C MET D 217 -22.42 -11.34 5.60
N LEU D 218 -22.75 -11.73 6.83
CA LEU D 218 -23.10 -13.11 7.22
C LEU D 218 -24.50 -13.53 6.82
N THR D 219 -25.47 -12.60 6.83
CA THR D 219 -26.87 -12.93 6.53
C THR D 219 -27.34 -12.45 5.17
N GLY D 220 -26.70 -11.41 4.64
CA GLY D 220 -27.09 -10.77 3.39
C GLY D 220 -28.20 -9.75 3.59
N LYS D 221 -28.82 -9.76 4.79
CA LYS D 221 -29.91 -8.88 5.20
C LYS D 221 -29.41 -7.78 6.13
N THR D 222 -30.08 -6.59 6.10
CA THR D 222 -29.78 -5.48 7.01
C THR D 222 -30.15 -5.98 8.42
N LEU D 223 -29.24 -5.81 9.39
CA LEU D 223 -29.49 -6.25 10.75
C LEU D 223 -30.69 -5.52 11.38
N PHE D 224 -30.69 -4.17 11.35
CA PHE D 224 -31.76 -3.31 11.90
C PHE D 224 -32.19 -2.36 10.81
N ALA D 225 -33.33 -2.64 10.17
CA ALA D 225 -33.85 -1.86 9.04
C ALA D 225 -35.10 -1.01 9.38
N GLY D 226 -34.89 -0.01 10.22
CA GLY D 226 -35.95 0.91 10.61
C GLY D 226 -36.10 2.08 9.65
N ALA D 227 -37.37 2.44 9.32
CA ALA D 227 -37.73 3.54 8.40
C ALA D 227 -37.25 4.89 8.93
N HIS D 228 -37.42 5.14 10.25
CA HIS D 228 -37.00 6.37 10.91
C HIS D 228 -36.28 6.05 12.21
N GLU D 229 -35.73 7.09 12.86
CA GLU D 229 -34.98 6.98 14.12
C GLU D 229 -35.74 6.21 15.23
N LEU D 230 -37.07 6.45 15.37
CA LEU D 230 -37.91 5.77 16.35
C LEU D 230 -37.97 4.26 16.14
N GLU D 231 -38.32 3.81 14.90
CA GLU D 231 -38.43 2.40 14.51
C GLU D 231 -37.09 1.71 14.66
N GLN D 232 -35.99 2.44 14.31
CA GLN D 232 -34.60 2.00 14.41
C GLN D 232 -34.23 1.61 15.85
N MET D 233 -34.49 2.50 16.81
CA MET D 233 -34.24 2.27 18.22
C MET D 233 -35.07 1.09 18.75
N GLN D 234 -36.35 1.01 18.38
CA GLN D 234 -37.26 -0.08 18.78
C GLN D 234 -36.74 -1.45 18.32
N LEU D 235 -36.19 -1.51 17.08
CA LEU D 235 -35.58 -2.73 16.53
C LEU D 235 -34.33 -3.17 17.29
N ILE D 236 -33.48 -2.19 17.66
CA ILE D 236 -32.25 -2.40 18.42
C ILE D 236 -32.61 -2.93 19.79
N LEU D 237 -33.54 -2.24 20.49
CA LEU D 237 -34.00 -2.57 21.84
C LEU D 237 -34.61 -3.96 21.97
N GLU D 238 -35.12 -4.51 20.84
CA GLU D 238 -35.69 -5.86 20.76
C GLU D 238 -34.58 -6.93 20.76
N SER D 239 -33.31 -6.53 20.51
CA SER D 239 -32.21 -7.48 20.40
C SER D 239 -30.97 -7.19 21.25
N ILE D 240 -30.75 -5.92 21.62
CA ILE D 240 -29.57 -5.49 22.37
C ILE D 240 -29.91 -5.14 23.81
N PRO D 241 -29.26 -5.79 24.81
CA PRO D 241 -29.56 -5.45 26.21
C PRO D 241 -29.05 -4.06 26.59
N VAL D 242 -29.77 -3.41 27.52
CA VAL D 242 -29.41 -2.10 28.09
C VAL D 242 -28.98 -2.47 29.50
N VAL D 243 -27.65 -2.45 29.76
CA VAL D 243 -27.10 -2.90 31.04
C VAL D 243 -26.76 -1.75 32.02
N HIS D 244 -26.80 -0.50 31.57
CA HIS D 244 -26.49 0.64 32.42
C HIS D 244 -27.75 1.46 32.70
N GLU D 245 -27.93 1.88 33.97
CA GLU D 245 -29.08 2.67 34.41
C GLU D 245 -29.10 4.06 33.77
N GLU D 246 -27.91 4.63 33.47
CA GLU D 246 -27.71 5.92 32.78
C GLU D 246 -28.42 5.87 31.42
N ASP D 247 -28.15 4.78 30.64
CA ASP D 247 -28.74 4.51 29.33
C ASP D 247 -30.25 4.27 29.42
N ARG D 248 -30.70 3.51 30.45
CA ARG D 248 -32.12 3.21 30.67
C ARG D 248 -32.91 4.47 31.03
N GLN D 249 -32.31 5.36 31.86
CA GLN D 249 -32.89 6.64 32.28
C GLN D 249 -33.03 7.58 31.10
N GLU D 250 -32.05 7.55 30.20
CA GLU D 250 -32.03 8.36 28.97
C GLU D 250 -33.15 7.92 28.01
N LEU D 251 -33.34 6.60 27.86
CA LEU D 251 -34.38 6.01 27.02
C LEU D 251 -35.78 6.26 27.55
N LEU D 252 -35.95 6.29 28.90
CA LEU D 252 -37.24 6.54 29.56
C LEU D 252 -37.80 7.94 29.29
N SER D 253 -36.91 8.91 29.02
CA SER D 253 -37.27 10.29 28.74
C SER D 253 -37.67 10.48 27.28
N VAL D 254 -37.01 9.74 26.38
CA VAL D 254 -37.21 9.79 24.93
C VAL D 254 -38.40 8.92 24.47
N ILE D 255 -38.46 7.65 24.91
CA ILE D 255 -39.52 6.70 24.53
C ILE D 255 -40.05 5.90 25.75
N PRO D 256 -40.91 6.48 26.61
CA PRO D 256 -41.40 5.72 27.79
C PRO D 256 -42.23 4.47 27.47
N MET D 263 -34.26 -4.32 31.23
CA MET D 263 -33.85 -4.22 29.83
C MET D 263 -32.61 -5.09 29.51
N THR D 264 -32.16 -5.87 30.52
CA THR D 264 -31.03 -6.80 30.49
C THR D 264 -31.35 -8.03 29.60
N GLU D 265 -32.65 -8.37 29.47
CA GLU D 265 -33.13 -9.51 28.66
C GLU D 265 -34.05 -9.08 27.46
N PRO D 266 -33.48 -8.88 26.23
CA PRO D 266 -34.32 -8.50 25.07
C PRO D 266 -35.19 -9.66 24.54
N HIS D 267 -36.18 -9.33 23.68
CA HIS D 267 -37.14 -10.29 23.11
C HIS D 267 -36.54 -11.28 22.11
N LYS D 268 -35.79 -10.76 21.14
CA LYS D 268 -35.19 -11.51 20.03
C LYS D 268 -33.66 -11.28 20.01
N PRO D 269 -32.85 -12.00 20.84
CA PRO D 269 -31.39 -11.78 20.85
C PRO D 269 -30.64 -12.05 19.53
N LEU D 270 -29.38 -11.58 19.43
CA LEU D 270 -28.49 -11.69 18.25
C LEU D 270 -28.41 -13.08 17.66
N THR D 271 -28.39 -14.12 18.49
CA THR D 271 -28.33 -15.52 18.06
C THR D 271 -29.56 -15.86 17.16
N GLN D 272 -30.75 -15.31 17.50
CA GLN D 272 -31.99 -15.50 16.74
C GLN D 272 -31.97 -14.75 15.41
N LEU D 273 -31.27 -13.61 15.35
CA LEU D 273 -31.19 -12.79 14.14
C LEU D 273 -30.16 -13.33 13.15
N LEU D 274 -29.23 -14.18 13.62
CA LEU D 274 -28.18 -14.78 12.81
C LEU D 274 -28.28 -16.30 12.88
N PRO D 275 -29.32 -16.89 12.20
CA PRO D 275 -29.50 -18.33 12.24
C PRO D 275 -28.51 -19.05 11.34
N GLY D 276 -27.95 -20.16 11.85
CA GLY D 276 -26.97 -20.96 11.14
C GLY D 276 -25.57 -20.38 11.16
N ILE D 277 -25.34 -19.27 11.92
CA ILE D 277 -24.04 -18.60 12.06
C ILE D 277 -23.34 -19.19 13.29
N SER D 278 -22.01 -19.46 13.17
CA SER D 278 -21.20 -20.03 14.25
C SER D 278 -21.24 -19.22 15.54
N ARG D 279 -21.16 -19.92 16.68
CA ARG D 279 -21.15 -19.34 18.03
C ARG D 279 -20.01 -18.34 18.17
N GLU D 280 -18.83 -18.65 17.58
CA GLU D 280 -17.62 -17.82 17.60
C GLU D 280 -17.87 -16.44 17.01
N ALA D 281 -18.56 -16.40 15.86
CA ALA D 281 -18.90 -15.17 15.14
C ALA D 281 -19.93 -14.36 15.91
N VAL D 282 -20.98 -15.02 16.46
CA VAL D 282 -22.04 -14.34 17.21
C VAL D 282 -21.47 -13.77 18.51
N ASP D 283 -20.61 -14.54 19.19
CA ASP D 283 -19.95 -14.13 20.44
C ASP D 283 -19.08 -12.89 20.21
N PHE D 284 -18.35 -12.84 19.09
CA PHE D 284 -17.50 -11.72 18.73
C PHE D 284 -18.38 -10.47 18.47
N LEU D 285 -19.46 -10.65 17.71
CA LEU D 285 -20.45 -9.61 17.39
C LEU D 285 -21.16 -9.07 18.63
N GLU D 286 -21.46 -9.93 19.62
CA GLU D 286 -22.09 -9.52 20.89
C GLU D 286 -21.23 -8.52 21.66
N GLN D 287 -19.89 -8.57 21.44
CA GLN D 287 -18.91 -7.70 22.06
C GLN D 287 -18.76 -6.36 21.37
N ILE D 288 -19.32 -6.23 20.15
CA ILE D 288 -19.30 -5.01 19.33
C ILE D 288 -20.67 -4.35 19.39
N LEU D 289 -21.73 -5.15 19.23
CA LEU D 289 -23.08 -4.60 19.27
C LEU D 289 -23.62 -4.50 20.68
N THR D 290 -22.93 -3.68 21.49
CA THR D 290 -23.32 -3.34 22.87
C THR D 290 -23.98 -1.98 22.76
N PHE D 291 -25.03 -1.75 23.54
CA PHE D 291 -25.78 -0.50 23.59
C PHE D 291 -24.88 0.70 23.98
N SER D 292 -24.01 0.50 24.97
CA SER D 292 -23.10 1.51 25.48
C SER D 292 -21.74 1.49 24.78
N PRO D 293 -21.22 2.65 24.35
CA PRO D 293 -19.88 2.69 23.73
C PRO D 293 -18.74 2.29 24.66
N MET D 294 -18.95 2.41 25.98
CA MET D 294 -18.00 2.06 27.05
C MET D 294 -17.65 0.57 27.04
N ASP D 295 -18.69 -0.30 26.88
CA ASP D 295 -18.58 -1.77 26.88
C ASP D 295 -18.11 -2.33 25.53
N ARG D 296 -18.30 -1.55 24.47
CA ARG D 296 -17.93 -1.91 23.11
C ARG D 296 -16.43 -2.02 22.97
N LEU D 297 -15.99 -2.93 22.10
CA LEU D 297 -14.60 -3.13 21.74
C LEU D 297 -14.20 -1.97 20.79
N THR D 298 -12.95 -1.51 20.92
CA THR D 298 -12.39 -0.53 20.01
C THR D 298 -11.89 -1.37 18.83
N ALA D 299 -11.57 -0.73 17.69
CA ALA D 299 -11.03 -1.44 16.52
C ALA D 299 -9.78 -2.23 16.91
N GLU D 300 -8.90 -1.64 17.74
CA GLU D 300 -7.67 -2.25 18.25
C GLU D 300 -7.98 -3.48 19.13
N GLU D 301 -8.97 -3.38 20.05
CA GLU D 301 -9.38 -4.50 20.92
C GLU D 301 -10.01 -5.63 20.11
N ALA D 302 -10.86 -5.29 19.13
CA ALA D 302 -11.50 -6.27 18.24
C ALA D 302 -10.47 -7.05 17.40
N LEU D 303 -9.34 -6.40 17.02
CA LEU D 303 -8.29 -7.05 16.25
C LEU D 303 -7.45 -7.98 17.10
N SER D 304 -7.40 -7.69 18.41
CA SER D 304 -6.67 -8.49 19.40
C SER D 304 -7.51 -9.69 19.85
N HIS D 305 -8.84 -9.66 19.61
CA HIS D 305 -9.77 -10.73 19.95
C HIS D 305 -9.33 -12.02 19.24
N PRO D 306 -9.35 -13.22 19.88
CA PRO D 306 -8.89 -14.45 19.20
C PRO D 306 -9.56 -14.76 17.85
N TYR D 307 -10.79 -14.26 17.66
CA TYR D 307 -11.55 -14.43 16.42
C TYR D 307 -10.92 -13.69 15.22
N MET D 308 -10.20 -12.58 15.50
CA MET D 308 -9.54 -11.75 14.47
C MET D 308 -8.02 -11.91 14.45
N SER D 309 -7.42 -12.22 15.62
CA SER D 309 -5.97 -12.34 15.82
C SER D 309 -5.31 -13.39 14.94
N ILE D 310 -6.10 -14.40 14.51
CA ILE D 310 -5.67 -15.48 13.64
C ILE D 310 -5.18 -14.99 12.25
N TYR D 311 -5.63 -13.80 11.77
CA TYR D 311 -5.22 -13.20 10.50
C TYR D 311 -3.90 -12.42 10.55
N SER D 312 -3.36 -12.15 11.74
CA SER D 312 -2.10 -11.41 11.88
C SER D 312 -0.92 -12.30 12.27
N PHE D 313 0.31 -11.79 12.01
CA PHE D 313 1.61 -12.45 12.28
C PHE D 313 1.79 -12.75 13.77
C1 OXW E . 20.11 -24.25 -27.08
C3 OXW E . 21.25 -22.98 -28.66
N6 OXW E . 19.07 -23.42 -27.09
C9 OXW E . 16.94 -21.08 -27.40
C10 OXW E . 16.35 -19.80 -27.19
C11 OXW E . 15.09 -19.72 -26.53
C12 OXW E . 14.47 -20.88 -26.07
C13 OXW E . 15.04 -22.14 -26.25
C14 OXW E . 16.26 -22.22 -26.91
C19 OXW E . 19.41 -26.85 -24.45
C22 OXW E . 16.37 -25.53 -23.03
C24 OXW E . 14.63 -26.24 -21.41
N25 OXW E . 14.18 -24.82 -21.32
C27 OXW E . 16.10 -24.04 -22.76
C30 OXW E . 16.94 -18.55 -27.63
N2 OXW E . 21.18 -24.04 -27.86
C4 OXW E . 20.19 -22.06 -28.67
C5 OXW E . 19.07 -22.31 -27.85
N7 OXW E . 18.19 -21.26 -28.04
N8 OXW E . 19.95 -20.90 -29.34
N15 OXW E . 18.79 -20.44 -29.00
N16 OXW E . 17.61 -25.82 -23.77
C17 OXW E . 18.12 -25.10 -24.82
C18 OXW E . 19.25 -25.72 -25.25
N20 OXW E . 18.44 -26.93 -23.58
N21 OXW E . 20.13 -25.36 -26.28
C23 OXW E . 16.12 -26.36 -21.76
C26 OXW E . 14.60 -23.92 -22.44
C28 OXW E . 12.71 -24.76 -21.20
F29 OXW E . 13.30 -20.81 -25.42
N31 OXW E . 17.40 -17.56 -27.97
C1 OXW F . 6.63 37.91 37.36
C3 OXW F . 6.00 39.15 35.51
N6 OXW F . 7.73 37.47 36.77
C9 OXW F . 10.17 36.76 34.95
C10 OXW F . 11.02 36.26 33.95
C11 OXW F . 12.08 35.41 34.35
C12 OXW F . 12.25 35.06 35.69
C13 OXW F . 11.37 35.51 36.66
C14 OXW F . 10.35 36.37 36.29
C19 OXW F . 8.03 35.73 39.02
C22 OXW F . 7.57 34.59 42.42
C24 OXW F . 8.65 34.50 44.66
N25 OXW F . 7.37 34.03 45.26
C27 OXW F . 6.23 34.13 43.05
C30 OXW F . 10.85 36.62 32.57
N2 OXW F . 5.78 38.72 36.75
C4 OXW F . 7.15 38.74 34.84
C5 OXW F . 8.03 37.87 35.53
N7 OXW F . 9.08 37.60 34.67
N8 OXW F . 7.69 38.95 33.61
N15 OXW F . 8.80 38.31 33.49
N16 OXW F . 7.47 35.25 41.10
C17 OXW F . 6.62 36.22 40.69
C18 OXW F . 6.94 36.52 39.40
N20 OXW F . 8.35 34.99 40.03
N21 OXW F . 6.28 37.48 38.63
C23 OXW F . 8.42 35.39 43.43
C26 OXW F . 6.47 33.31 44.32
C28 OXW F . 7.63 33.23 46.46
F29 OXW F . 13.23 34.24 36.08
N31 OXW F . 10.69 36.95 31.49
C1 OXW G . 2.81 -17.52 -6.39
C3 OXW G . 3.18 -19.81 -6.20
N6 OXW G . 1.59 -17.62 -5.83
C9 OXW G . -1.29 -18.54 -4.59
C10 OXW G . -2.43 -19.17 -3.98
C11 OXW G . -3.57 -18.40 -3.69
C12 OXW G . -3.62 -17.05 -4.00
C13 OXW G . -2.52 -16.43 -4.59
C14 OXW G . -1.39 -17.18 -4.90
C19 OXW G . 3.39 -14.13 -7.91
C22 OXW G . 0.02 -12.82 -7.77
C24 OXW G . -1.42 -11.17 -9.02
N25 OXW G . -1.87 -10.62 -7.71
C27 OXW G . -0.32 -12.12 -6.44
C30 OXW G . -2.47 -20.56 -3.64
N2 OXW G . 3.59 -18.60 -6.53
C4 OXW G . 1.90 -19.97 -5.66
C5 OXW G . 1.09 -18.80 -5.47
N7 OXW G . -0.10 -19.27 -4.93
N8 OXW G . 1.21 -21.04 -5.24
N15 OXW G . 0.06 -20.67 -4.81
N16 OXW G . 1.28 -13.58 -7.68
C17 OXW G . 1.44 -14.79 -7.07
C18 OXW G . 2.74 -15.16 -7.22
N20 OXW G . 2.53 -13.18 -8.19
N21 OXW G . 3.39 -16.31 -6.74
C23 OXW G . -0.03 -11.83 -8.95
C26 OXW G . -1.74 -11.52 -6.55
C28 OXW G . -3.23 -10.08 -7.80
F29 OXW G . -4.73 -16.33 -3.68
N31 OXW G . -2.51 -21.68 -3.39
C1 OXW H . -14.82 2.98 -7.36
C3 OXW H . -13.06 3.76 -6.02
N6 OXW H . -15.64 3.90 -6.88
C9 OXW H . -17.21 6.16 -5.38
C10 OXW H . -17.64 7.48 -5.13
C11 OXW H . -19.01 7.80 -5.25
C12 OXW H . -19.90 6.83 -5.65
C13 OXW H . -19.49 5.53 -5.89
C14 OXW H . -18.16 5.21 -5.77
C19 OXW H . -17.72 2.17 -8.01
C22 OXW H . -19.22 0.07 -10.46
C24 OXW H . -20.49 -0.13 -12.54
N25 OXW H . -20.65 -1.58 -12.24
C27 OXW H . -19.31 -1.42 -10.16
C30 OXW H . -16.71 8.50 -4.79
N2 OXW H . -13.56 2.93 -6.93
C4 OXW H . -13.91 4.71 -5.46
C5 OXW H . -15.25 4.75 -5.93
N7 OXW H . -15.86 5.77 -5.25
N8 OXW H . -13.77 5.69 -4.53
N15 OXW H . -14.90 6.28 -4.36
N16 OXW H . -18.32 0.82 -9.61
C17 OXW H . -16.95 0.83 -9.58
C18 OXW H . -16.57 1.67 -8.59
N20 OXW H . -18.76 1.66 -8.59
N21 OXW H . -15.24 2.02 -8.28
C23 OXW H . -19.18 0.39 -11.95
C26 OXW H . -20.62 -1.94 -10.79
C28 OXW H . -21.84 -2.17 -12.88
F29 OXW H . -21.20 7.12 -5.79
N31 OXW H . -15.96 9.30 -4.52
#